data_3KUU
#
_entry.id   3KUU
#
_cell.length_a   114.04
_cell.length_b   114.04
_cell.length_c   231.74
_cell.angle_alpha   90.0
_cell.angle_beta   90.0
_cell.angle_gamma   90.0
#
_symmetry.space_group_name_H-M   'I 4 2 2'
#
loop_
_entity.id
_entity.type
_entity.pdbx_description
1 polymer 'Phosphoribosylaminoimidazole carboxylase catalytic subunit PurE'
2 non-polymer 'SULFATE ION'
3 water water
#
_entity_poly.entity_id   1
_entity_poly.type   'polypeptide(L)'
_entity_poly.pdbx_seq_one_letter_code
;(MSE)GANLNSAYAAGVKIAIV(MSE)GSKSDWAT(MSE)QFAADVLTTLNVPFHVEVVSAHRTPDRLFSFAEQAEANGL
HVIIAGNGGAAHLPG(MSE)LAAKTLVPVLGVPVQSAALSGVDSLYSIVQ(MSE)PRGIPVGTLAIGKAGAANAALLAAQ
ILALHDTELAGRLAHWRQSQTDDVLDNPDPREEA
;
_entity_poly.pdbx_strand_id   A,B,C,D
#
loop_
_chem_comp.id
_chem_comp.type
_chem_comp.name
_chem_comp.formula
SO4 non-polymer 'SULFATE ION' 'O4 S -2'
#
# COMPACT_ATOMS: atom_id res chain seq x y z
N ASN A 6 -9.17 -24.74 -3.31
CA ASN A 6 -9.97 -25.05 -4.54
C ASN A 6 -9.81 -23.92 -5.57
N SER A 7 -10.52 -23.98 -6.71
CA SER A 7 -10.39 -22.98 -7.82
C SER A 7 -11.67 -22.16 -8.22
N ALA A 8 -12.55 -21.96 -7.25
CA ALA A 8 -13.85 -21.25 -7.44
C ALA A 8 -13.75 -19.76 -7.90
N TYR A 9 -12.72 -19.10 -7.37
CA TYR A 9 -12.41 -17.72 -7.63
C TYR A 9 -10.96 -17.80 -8.13
N ALA A 10 -10.76 -17.04 -9.17
CA ALA A 10 -9.44 -16.74 -9.64
C ALA A 10 -8.93 -15.49 -8.92
N ALA A 11 -8.41 -15.70 -7.73
CA ALA A 11 -8.14 -14.65 -6.77
C ALA A 11 -6.65 -14.36 -6.60
N GLY A 12 -5.83 -14.94 -7.47
CA GLY A 12 -4.38 -14.66 -7.41
C GLY A 12 -3.61 -15.43 -6.35
N VAL A 13 -4.16 -16.53 -5.82
CA VAL A 13 -3.42 -17.26 -4.77
C VAL A 13 -2.41 -18.17 -5.45
N LYS A 14 -1.15 -17.80 -5.45
CA LYS A 14 -0.12 -18.57 -6.19
C LYS A 14 0.82 -19.31 -5.20
N ILE A 15 0.64 -19.07 -3.91
CA ILE A 15 1.53 -19.72 -2.91
C ILE A 15 0.66 -20.48 -1.93
N ALA A 16 1.09 -21.68 -1.58
CA ALA A 16 0.52 -22.39 -0.41
C ALA A 16 1.59 -22.61 0.63
N ILE A 17 1.25 -22.37 1.89
CA ILE A 17 2.11 -22.69 3.07
C ILE A 17 1.46 -23.92 3.68
N VAL A 18 2.13 -25.06 3.61
CA VAL A 18 1.62 -26.30 4.18
C VAL A 18 2.59 -26.81 5.22
N MSE A 19 2.10 -27.65 6.12
CA MSE A 19 2.96 -28.18 7.17
C MSE A 19 2.44 -29.51 7.65
O MSE A 19 1.23 -29.78 7.55
CB MSE A 19 3.01 -27.17 8.33
CG MSE A 19 1.62 -27.01 9.03
SE MSE A 19 1.37 -25.18 9.65
CE MSE A 19 1.19 -24.35 7.93
N GLY A 20 3.32 -30.32 8.24
CA GLY A 20 2.95 -31.67 8.64
C GLY A 20 2.11 -31.77 9.89
N SER A 21 2.15 -30.75 10.75
CA SER A 21 1.41 -30.81 12.04
C SER A 21 0.94 -29.44 12.41
N LYS A 22 -0.20 -29.35 13.06
CA LYS A 22 -0.69 -28.06 13.60
C LYS A 22 0.35 -27.34 14.49
N SER A 23 1.15 -28.12 15.23
CA SER A 23 2.16 -27.50 16.09
C SER A 23 3.25 -26.80 15.27
N ASP A 24 3.40 -27.15 14.00
CA ASP A 24 4.35 -26.43 13.14
C ASP A 24 3.94 -25.00 12.85
N TRP A 25 2.68 -24.61 13.11
CA TRP A 25 2.23 -23.25 12.78
C TRP A 25 2.98 -22.17 13.58
N ALA A 26 3.49 -22.48 14.76
CA ALA A 26 4.30 -21.51 15.53
C ALA A 26 5.51 -21.07 14.71
N THR A 27 6.07 -21.98 13.91
CA THR A 27 7.18 -21.68 13.00
C THR A 27 6.63 -21.10 11.68
N MSE A 28 5.64 -21.75 11.08
CA MSE A 28 5.22 -21.38 9.70
C MSE A 28 4.47 -20.05 9.64
O MSE A 28 4.42 -19.45 8.55
CB MSE A 28 4.40 -22.51 9.07
CG MSE A 28 5.19 -23.86 9.05
SE MSE A 28 6.97 -23.78 8.29
CE MSE A 28 6.43 -23.34 6.49
N GLN A 29 3.93 -19.59 10.76
CA GLN A 29 3.30 -18.28 10.78
CA GLN A 29 3.32 -18.27 10.79
C GLN A 29 4.31 -17.18 10.37
N PHE A 30 5.62 -17.43 10.54
CA PHE A 30 6.60 -16.42 10.14
C PHE A 30 6.69 -16.31 8.61
N ALA A 31 6.35 -17.38 7.87
CA ALA A 31 6.26 -17.25 6.39
C ALA A 31 4.99 -16.47 6.06
N ALA A 32 3.86 -16.79 6.73
CA ALA A 32 2.61 -16.07 6.45
C ALA A 32 2.75 -14.58 6.69
N ASP A 33 3.45 -14.21 7.75
CA ASP A 33 3.57 -12.81 8.07
C ASP A 33 4.34 -12.00 7.01
N VAL A 34 5.39 -12.59 6.45
CA VAL A 34 6.10 -11.91 5.37
C VAL A 34 5.18 -11.73 4.15
N LEU A 35 4.42 -12.78 3.78
CA LEU A 35 3.58 -12.64 2.59
C LEU A 35 2.47 -11.61 2.84
N THR A 36 1.93 -11.54 4.06
CA THR A 36 0.95 -10.49 4.39
C THR A 36 1.56 -9.10 4.17
N THR A 37 2.76 -8.90 4.67
CA THR A 37 3.44 -7.60 4.53
C THR A 37 3.65 -7.25 3.08
N LEU A 38 4.00 -8.22 2.24
CA LEU A 38 4.21 -8.00 0.82
C LEU A 38 2.91 -8.04 -0.04
N ASN A 39 1.75 -8.18 0.59
CA ASN A 39 0.49 -8.21 -0.17
C ASN A 39 0.45 -9.33 -1.19
N VAL A 40 0.97 -10.47 -0.79
CA VAL A 40 0.95 -11.68 -1.64
C VAL A 40 -0.09 -12.64 -1.13
N PRO A 41 -1.11 -12.95 -1.92
CA PRO A 41 -2.12 -13.90 -1.45
C PRO A 41 -1.58 -15.31 -1.20
N PHE A 42 -2.08 -16.02 -0.19
CA PHE A 42 -1.60 -17.37 0.08
C PHE A 42 -2.70 -18.19 0.72
N HIS A 43 -2.52 -19.50 0.63
CA HIS A 43 -3.36 -20.51 1.27
C HIS A 43 -2.54 -21.20 2.37
N VAL A 44 -3.16 -21.58 3.49
CA VAL A 44 -2.46 -22.35 4.55
C VAL A 44 -3.20 -23.67 4.75
N GLU A 45 -2.47 -24.76 4.94
CA GLU A 45 -3.13 -26.03 5.21
C GLU A 45 -2.18 -26.99 5.91
N VAL A 46 -2.73 -27.83 6.80
CA VAL A 46 -1.98 -28.91 7.43
C VAL A 46 -2.18 -30.17 6.55
N VAL A 47 -1.06 -30.73 6.09
CA VAL A 47 -1.06 -31.98 5.29
C VAL A 47 0.08 -32.81 5.83
N SER A 48 -0.21 -33.99 6.39
CA SER A 48 0.84 -34.82 7.00
C SER A 48 1.29 -35.91 6.03
N ALA A 49 2.58 -36.08 5.78
CA ALA A 49 3.03 -37.20 4.94
C ALA A 49 2.64 -38.54 5.53
N HIS A 50 2.61 -38.64 6.85
CA HIS A 50 2.44 -39.96 7.50
C HIS A 50 1.05 -40.20 8.03
N ARG A 51 0.36 -39.14 8.46
CA ARG A 51 -1.03 -39.31 8.91
C ARG A 51 -2.05 -39.09 7.82
N THR A 52 -1.72 -38.32 6.78
CA THR A 52 -2.66 -38.11 5.68
C THR A 52 -1.95 -38.30 4.33
N PRO A 53 -1.37 -39.48 4.06
CA PRO A 53 -0.62 -39.71 2.83
C PRO A 53 -1.45 -39.53 1.60
N ASP A 54 -2.71 -39.99 1.62
CA ASP A 54 -3.57 -39.82 0.44
C ASP A 54 -3.87 -38.36 0.17
N ARG A 55 -4.10 -37.56 1.22
CA ARG A 55 -4.28 -36.15 0.99
C ARG A 55 -3.03 -35.46 0.48
N LEU A 56 -1.85 -35.90 0.91
CA LEU A 56 -0.64 -35.33 0.33
C LEU A 56 -0.62 -35.54 -1.20
N PHE A 57 -0.95 -36.75 -1.64
CA PHE A 57 -0.96 -36.99 -3.09
C PHE A 57 -2.03 -36.15 -3.78
N SER A 58 -3.23 -36.03 -3.23
CA SER A 58 -4.29 -35.24 -3.88
CA SER A 58 -4.28 -35.24 -3.90
C SER A 58 -3.91 -33.76 -3.95
N PHE A 59 -3.31 -33.25 -2.87
CA PHE A 59 -2.92 -31.84 -2.85
C PHE A 59 -1.89 -31.59 -3.94
N ALA A 60 -0.87 -32.43 -4.02
CA ALA A 60 0.16 -32.24 -5.01
C ALA A 60 -0.39 -32.40 -6.42
N GLU A 61 -1.22 -33.42 -6.66
CA GLU A 61 -1.77 -33.67 -8.01
C GLU A 61 -2.57 -32.48 -8.49
N GLN A 62 -3.26 -31.78 -7.60
CA GLN A 62 -4.13 -30.69 -8.03
C GLN A 62 -3.48 -29.29 -7.85
N ALA A 63 -2.21 -29.22 -7.42
CA ALA A 63 -1.58 -27.93 -7.16
C ALA A 63 -1.62 -27.01 -8.37
N GLU A 64 -1.23 -27.54 -9.54
CA GLU A 64 -1.26 -26.72 -10.77
CA GLU A 64 -1.25 -26.69 -10.74
C GLU A 64 -2.70 -26.27 -11.13
N ALA A 65 -3.65 -27.20 -11.09
CA ALA A 65 -5.06 -26.81 -11.37
C ALA A 65 -5.62 -25.78 -10.41
N ASN A 66 -5.10 -25.77 -9.18
CA ASN A 66 -5.52 -24.80 -8.18
C ASN A 66 -4.76 -23.46 -8.31
N GLY A 67 -3.85 -23.37 -9.29
CA GLY A 67 -3.19 -22.08 -9.58
C GLY A 67 -1.90 -21.87 -8.81
N LEU A 68 -1.35 -22.87 -8.13
CA LEU A 68 -0.12 -22.62 -7.35
C LEU A 68 1.10 -22.53 -8.23
N HIS A 69 1.99 -21.60 -7.83
CA HIS A 69 3.32 -21.49 -8.48
C HIS A 69 4.44 -21.90 -7.52
N VAL A 70 4.24 -21.78 -6.21
CA VAL A 70 5.26 -22.23 -5.26
C VAL A 70 4.56 -22.82 -4.07
N ILE A 71 5.06 -23.95 -3.56
CA ILE A 71 4.60 -24.51 -2.31
C ILE A 71 5.72 -24.37 -1.27
N ILE A 72 5.39 -23.80 -0.12
CA ILE A 72 6.31 -23.74 1.01
C ILE A 72 5.84 -24.81 1.98
N ALA A 73 6.69 -25.77 2.30
CA ALA A 73 6.28 -26.91 3.14
C ALA A 73 7.19 -27.05 4.32
N GLY A 74 6.62 -27.00 5.52
CA GLY A 74 7.39 -27.21 6.78
C GLY A 74 7.14 -28.55 7.40
N ASN A 75 8.20 -29.17 7.93
CA ASN A 75 8.03 -30.44 8.62
C ASN A 75 9.28 -30.65 9.44
N GLY A 76 9.15 -31.57 10.39
CA GLY A 76 10.27 -31.85 11.33
C GLY A 76 10.45 -33.31 11.56
N GLY A 77 11.57 -33.60 12.22
CA GLY A 77 11.92 -35.04 12.55
C GLY A 77 12.25 -35.78 11.27
N ALA A 78 11.55 -36.90 11.04
CA ALA A 78 11.61 -37.57 9.73
C ALA A 78 10.64 -36.78 8.88
N ALA A 79 11.21 -35.75 8.27
CA ALA A 79 10.44 -34.66 7.66
C ALA A 79 10.21 -34.96 6.20
N HIS A 80 9.21 -35.77 5.91
CA HIS A 80 9.02 -36.28 4.53
C HIS A 80 8.03 -35.46 3.69
N LEU A 81 7.32 -34.52 4.30
CA LEU A 81 6.32 -33.76 3.54
C LEU A 81 6.88 -33.03 2.30
N PRO A 82 7.95 -32.21 2.44
CA PRO A 82 8.38 -31.48 1.23
C PRO A 82 8.79 -32.38 0.08
N GLY A 83 9.51 -33.42 0.38
CA GLY A 83 10.04 -34.28 -0.70
C GLY A 83 8.93 -35.08 -1.34
N MSE A 84 7.94 -35.55 -0.59
CA MSE A 84 6.87 -36.27 -1.19
C MSE A 84 5.96 -35.40 -2.06
O MSE A 84 5.46 -35.82 -3.10
CB MSE A 84 6.09 -37.06 -0.13
CG MSE A 84 6.94 -38.20 0.50
SE MSE A 84 7.77 -39.41 -0.77
CE MSE A 84 6.24 -39.97 -1.66
N LEU A 85 5.76 -34.13 -1.62
CA LEU A 85 5.06 -33.20 -2.47
C LEU A 85 5.85 -32.99 -3.77
N ALA A 86 7.15 -32.74 -3.65
CA ALA A 86 7.95 -32.48 -4.86
C ALA A 86 7.98 -33.64 -5.82
N ALA A 87 7.81 -34.88 -5.31
CA ALA A 87 7.80 -36.07 -6.17
C ALA A 87 6.53 -36.14 -7.03
N LYS A 88 5.48 -35.41 -6.66
CA LYS A 88 4.17 -35.56 -7.27
C LYS A 88 3.70 -34.35 -8.04
N THR A 89 4.51 -33.29 -8.15
CA THR A 89 4.15 -32.12 -8.96
C THR A 89 5.41 -31.47 -9.48
N LEU A 90 5.25 -30.70 -10.57
CA LEU A 90 6.32 -29.81 -11.05
C LEU A 90 6.31 -28.46 -10.40
N VAL A 91 5.27 -28.10 -9.64
CA VAL A 91 5.30 -26.84 -8.93
C VAL A 91 6.51 -26.84 -7.97
N PRO A 92 7.36 -25.80 -8.01
CA PRO A 92 8.51 -25.76 -7.10
C PRO A 92 8.12 -25.87 -5.64
N VAL A 93 8.90 -26.68 -4.90
CA VAL A 93 8.69 -26.87 -3.44
C VAL A 93 9.91 -26.33 -2.69
N LEU A 94 9.61 -25.48 -1.71
CA LEU A 94 10.60 -24.96 -0.77
C LEU A 94 10.35 -25.57 0.57
N GLY A 95 11.40 -26.10 1.20
CA GLY A 95 11.22 -26.87 2.45
C GLY A 95 11.76 -26.11 3.66
N VAL A 96 11.02 -26.08 4.75
CA VAL A 96 11.46 -25.44 6.00
C VAL A 96 11.60 -26.51 7.07
N PRO A 97 12.84 -26.77 7.53
CA PRO A 97 13.02 -27.74 8.63
C PRO A 97 12.54 -27.15 9.93
N VAL A 98 11.57 -27.75 10.56
CA VAL A 98 11.09 -27.30 11.86
C VAL A 98 12.01 -27.84 12.92
N GLN A 99 12.35 -27.04 13.91
CA GLN A 99 13.26 -27.52 14.96
C GLN A 99 12.60 -28.60 15.76
N SER A 100 13.28 -29.73 15.90
CA SER A 100 12.82 -30.86 16.69
C SER A 100 13.44 -30.83 18.08
N ALA A 101 12.86 -31.57 19.02
CA ALA A 101 13.31 -31.46 20.39
C ALA A 101 14.67 -32.14 20.62
N ALA A 102 14.79 -33.44 20.42
CA ALA A 102 16.08 -34.08 20.74
C ALA A 102 17.23 -33.60 19.86
N LEU A 103 17.00 -33.61 18.55
CA LEU A 103 18.10 -33.40 17.60
C LEU A 103 18.17 -31.98 17.09
N SER A 104 17.33 -31.09 17.64
CA SER A 104 17.43 -29.61 17.34
C SER A 104 17.34 -29.35 15.86
N GLY A 105 16.55 -30.13 15.14
CA GLY A 105 16.34 -29.91 13.73
C GLY A 105 17.37 -30.49 12.78
N VAL A 106 18.38 -31.20 13.28
CA VAL A 106 19.31 -31.83 12.37
C VAL A 106 18.65 -32.96 11.61
N ASP A 107 17.78 -33.71 12.30
CA ASP A 107 16.97 -34.72 11.59
C ASP A 107 16.06 -34.04 10.54
N SER A 108 15.40 -32.96 10.94
CA SER A 108 14.56 -32.23 9.99
C SER A 108 15.32 -31.77 8.75
N LEU A 109 16.49 -31.17 9.00
CA LEU A 109 17.31 -30.65 7.90
C LEU A 109 17.77 -31.74 7.00
N TYR A 110 18.33 -32.81 7.56
CA TYR A 110 18.88 -33.86 6.69
C TYR A 110 17.76 -34.53 5.87
N SER A 111 16.59 -34.76 6.49
CA SER A 111 15.55 -35.48 5.77
CA SER A 111 15.44 -35.40 5.86
C SER A 111 14.89 -34.61 4.71
N ILE A 112 15.11 -33.28 4.71
CA ILE A 112 14.59 -32.39 3.63
C ILE A 112 15.67 -32.09 2.60
N VAL A 113 16.87 -31.69 3.04
CA VAL A 113 17.84 -31.15 2.08
C VAL A 113 18.47 -32.25 1.28
N GLN A 114 18.63 -33.48 1.81
CA GLN A 114 19.43 -34.53 1.13
C GLN A 114 18.67 -35.28 0.04
N MSE A 115 17.74 -34.60 -0.62
CA MSE A 115 16.99 -35.29 -1.73
C MSE A 115 17.93 -35.80 -2.79
O MSE A 115 18.83 -35.07 -3.24
CB MSE A 115 16.06 -34.31 -2.40
CG MSE A 115 14.92 -33.91 -1.51
SE MSE A 115 13.69 -35.40 -1.06
CE MSE A 115 12.73 -35.44 -2.72
N PRO A 116 17.75 -37.01 -3.29
CA PRO A 116 18.55 -37.58 -4.38
C PRO A 116 18.24 -36.92 -5.73
N ARG A 117 19.19 -37.13 -6.65
CA ARG A 117 19.03 -36.59 -8.00
CA ARG A 117 19.06 -36.68 -8.03
C ARG A 117 17.66 -36.94 -8.60
N GLY A 118 17.00 -35.91 -9.10
CA GLY A 118 15.78 -36.07 -9.91
C GLY A 118 14.57 -35.40 -9.35
N ILE A 119 14.54 -35.16 -8.02
CA ILE A 119 13.38 -34.53 -7.39
C ILE A 119 13.92 -33.50 -6.40
N PRO A 120 13.87 -32.22 -6.72
CA PRO A 120 14.48 -31.19 -5.84
C PRO A 120 13.53 -30.65 -4.77
N VAL A 121 14.11 -30.22 -3.63
CA VAL A 121 13.40 -29.34 -2.66
C VAL A 121 14.40 -28.26 -2.30
N GLY A 122 14.02 -27.00 -2.52
CA GLY A 122 14.90 -25.88 -2.12
C GLY A 122 14.78 -25.63 -0.63
N THR A 123 15.85 -25.86 0.15
CA THR A 123 15.69 -25.89 1.60
C THR A 123 16.21 -24.61 2.26
N LEU A 124 15.50 -24.14 3.29
CA LEU A 124 15.86 -22.96 4.04
C LEU A 124 16.31 -23.32 5.44
N ALA A 125 16.72 -22.33 6.22
CA ALA A 125 17.29 -22.54 7.56
C ALA A 125 16.33 -23.24 8.50
N ILE A 126 16.91 -23.90 9.52
CA ILE A 126 16.09 -24.44 10.59
C ILE A 126 15.26 -23.38 11.28
N GLY A 127 13.93 -23.61 11.45
CA GLY A 127 13.12 -22.73 12.31
C GLY A 127 12.56 -21.51 11.64
N LYS A 128 12.20 -20.55 12.49
CA LYS A 128 11.48 -19.35 12.06
C LYS A 128 12.25 -18.51 11.05
N ALA A 129 13.58 -18.49 11.08
CA ALA A 129 14.34 -17.78 10.05
C ALA A 129 14.10 -18.40 8.68
N GLY A 130 14.05 -19.74 8.64
CA GLY A 130 13.84 -20.40 7.35
C GLY A 130 12.44 -20.25 6.89
N ALA A 131 11.44 -20.17 7.79
CA ALA A 131 10.06 -19.96 7.35
C ALA A 131 9.92 -18.54 6.71
N ALA A 132 10.49 -17.50 7.37
CA ALA A 132 10.42 -16.18 6.79
C ALA A 132 11.14 -16.18 5.42
N ASN A 133 12.28 -16.86 5.34
CA ASN A 133 13.06 -16.86 4.12
C ASN A 133 12.41 -17.65 3.02
N ALA A 134 11.64 -18.69 3.36
CA ALA A 134 10.93 -19.39 2.31
C ALA A 134 9.88 -18.51 1.69
N ALA A 135 9.21 -17.70 2.51
CA ALA A 135 8.26 -16.74 1.94
C ALA A 135 8.97 -15.71 1.07
N LEU A 136 10.13 -15.19 1.51
CA LEU A 136 10.83 -14.24 0.68
C LEU A 136 11.31 -14.89 -0.60
N LEU A 137 11.83 -16.11 -0.57
CA LEU A 137 12.29 -16.72 -1.81
C LEU A 137 11.09 -16.98 -2.76
N ALA A 138 9.98 -17.46 -2.19
CA ALA A 138 8.77 -17.66 -3.02
C ALA A 138 8.34 -16.36 -3.66
N ALA A 139 8.36 -15.26 -2.89
CA ALA A 139 8.00 -13.96 -3.47
C ALA A 139 9.01 -13.52 -4.53
N GLN A 140 10.32 -13.78 -4.33
CA GLN A 140 11.34 -13.46 -5.34
C GLN A 140 11.08 -14.24 -6.62
N ILE A 141 10.63 -15.49 -6.49
CA ILE A 141 10.27 -16.27 -7.69
C ILE A 141 9.08 -15.62 -8.41
N LEU A 142 8.03 -15.29 -7.64
CA LEU A 142 6.86 -14.67 -8.28
C LEU A 142 7.25 -13.36 -8.96
N ALA A 143 8.16 -12.61 -8.32
CA ALA A 143 8.54 -11.26 -8.80
C ALA A 143 9.25 -11.30 -10.13
N LEU A 144 9.72 -12.47 -10.57
CA LEU A 144 10.28 -12.58 -11.93
C LEU A 144 9.25 -12.15 -12.96
N HIS A 145 7.94 -12.26 -12.61
CA HIS A 145 6.88 -11.91 -13.54
C HIS A 145 5.87 -11.04 -12.88
N ASP A 146 6.31 -10.24 -11.93
CA ASP A 146 5.42 -9.34 -11.17
C ASP A 146 6.26 -8.17 -10.73
N THR A 147 6.31 -7.13 -11.58
CA THR A 147 7.19 -6.01 -11.33
C THR A 147 6.79 -5.22 -10.07
N GLU A 148 5.51 -5.18 -9.78
CA GLU A 148 5.06 -4.42 -8.62
C GLU A 148 5.51 -5.15 -7.31
N LEU A 149 5.39 -6.48 -7.28
CA LEU A 149 5.94 -7.24 -6.18
C LEU A 149 7.42 -7.05 -6.11
N ALA A 150 8.13 -7.03 -7.24
CA ALA A 150 9.56 -6.80 -7.19
C ALA A 150 9.84 -5.46 -6.47
N GLY A 151 9.05 -4.42 -6.75
CA GLY A 151 9.25 -3.13 -6.08
C GLY A 151 8.99 -3.24 -4.57
N ARG A 152 7.96 -4.00 -4.21
CA ARG A 152 7.67 -4.17 -2.76
C ARG A 152 8.77 -4.95 -2.07
N LEU A 153 9.37 -5.94 -2.75
CA LEU A 153 10.53 -6.64 -2.17
C LEU A 153 11.72 -5.70 -2.02
N ALA A 154 11.94 -4.85 -3.01
CA ALA A 154 13.08 -3.93 -2.93
C ALA A 154 12.86 -3.01 -1.75
N HIS A 155 11.65 -2.53 -1.52
CA HIS A 155 11.36 -1.68 -0.36
C HIS A 155 11.57 -2.41 0.95
N TRP A 156 11.09 -3.66 1.03
CA TRP A 156 11.26 -4.47 2.20
C TRP A 156 12.76 -4.61 2.54
N ARG A 157 13.58 -4.93 1.54
CA ARG A 157 15.03 -5.07 1.74
CA ARG A 157 15.00 -5.09 1.77
C ARG A 157 15.64 -3.75 2.17
N GLN A 158 15.28 -2.65 1.51
CA GLN A 158 15.87 -1.36 1.83
C GLN A 158 15.52 -0.98 3.26
N SER A 159 14.32 -1.32 3.72
CA SER A 159 13.90 -0.99 5.08
CA SER A 159 13.91 -0.97 5.08
C SER A 159 14.72 -1.77 6.10
N GLN A 160 14.98 -3.04 5.81
CA GLN A 160 15.77 -3.86 6.69
C GLN A 160 17.22 -3.32 6.76
N THR A 161 17.78 -2.92 5.62
CA THR A 161 19.13 -2.34 5.52
C THR A 161 19.20 -1.05 6.30
N ASP A 162 18.20 -0.17 6.12
CA ASP A 162 18.23 1.13 6.77
C ASP A 162 18.12 0.99 8.28
N ASP A 163 17.39 -0.01 8.75
CA ASP A 163 17.20 -0.15 10.19
CA ASP A 163 17.18 -0.16 10.18
C ASP A 163 18.52 -0.51 10.83
N VAL A 164 19.38 -1.29 10.14
CA VAL A 164 20.71 -1.54 10.68
C VAL A 164 21.64 -0.29 10.56
N LEU A 165 21.64 0.37 9.40
CA LEU A 165 22.53 1.51 9.18
C LEU A 165 22.21 2.67 10.10
N ASP A 166 20.94 2.80 10.48
CA ASP A 166 20.49 3.93 11.32
C ASP A 166 20.84 3.71 12.79
N ASN A 167 21.28 2.51 13.14
CA ASN A 167 21.55 2.18 14.54
C ASN A 167 22.90 1.47 14.65
N PRO A 168 23.99 2.17 14.32
CA PRO A 168 25.29 1.49 14.25
C PRO A 168 25.85 1.14 15.63
N ASP A 169 25.50 1.84 16.71
CA ASP A 169 26.13 1.59 18.00
C ASP A 169 25.18 0.76 18.83
N PRO A 170 25.54 -0.50 19.14
CA PRO A 170 24.56 -1.36 19.79
C PRO A 170 24.35 -0.95 21.25
N ARG A 171 25.18 -0.06 21.79
CA ARG A 171 24.98 0.40 23.17
C ARG A 171 23.87 1.44 23.26
N GLU A 172 23.39 1.94 22.11
CA GLU A 172 22.35 2.99 22.04
C GLU A 172 20.99 2.44 21.59
N GLU A 173 19.91 2.94 22.19
CA GLU A 173 18.55 2.52 21.82
C GLU A 173 18.09 3.13 20.49
N ALA A 174 17.32 2.36 19.72
CA ALA A 174 16.58 2.89 18.58
C ALA A 174 15.11 3.11 18.94
N GLY B 12 17.59 -16.87 -25.05
CA GLY B 12 18.08 -16.00 -23.98
C GLY B 12 18.54 -16.82 -22.77
N VAL B 13 19.72 -16.49 -22.28
CA VAL B 13 20.23 -17.11 -21.05
C VAL B 13 19.50 -16.54 -19.83
N LYS B 14 18.82 -17.44 -19.09
CA LYS B 14 18.11 -17.00 -17.85
C LYS B 14 18.68 -17.65 -16.60
N ILE B 15 19.67 -18.53 -16.75
CA ILE B 15 20.32 -19.21 -15.62
C ILE B 15 21.82 -19.00 -15.66
N ALA B 16 22.45 -18.71 -14.51
CA ALA B 16 23.90 -18.77 -14.38
C ALA B 16 24.27 -19.84 -13.40
N ILE B 17 25.29 -20.61 -13.74
CA ILE B 17 25.91 -21.58 -12.83
C ILE B 17 27.25 -20.98 -12.43
N VAL B 18 27.37 -20.65 -11.14
CA VAL B 18 28.59 -19.99 -10.61
C VAL B 18 29.13 -20.84 -9.50
N MSE B 19 30.42 -20.70 -9.23
CA MSE B 19 31.03 -21.52 -8.16
C MSE B 19 32.25 -20.81 -7.63
O MSE B 19 32.88 -19.98 -8.32
CB MSE B 19 31.44 -22.90 -8.69
CG MSE B 19 32.51 -22.79 -9.79
SE MSE B 19 32.32 -24.17 -11.17
CE MSE B 19 30.77 -23.38 -12.06
N GLY B 20 32.63 -21.13 -6.40
CA GLY B 20 33.72 -20.39 -5.76
C GLY B 20 35.12 -20.74 -6.20
N SER B 21 35.29 -21.92 -6.79
CA SER B 21 36.61 -22.48 -7.15
CA SER B 21 36.61 -22.36 -7.24
C SER B 21 36.50 -23.25 -8.46
N LYS B 22 37.54 -23.19 -9.30
CA LYS B 22 37.54 -24.02 -10.50
C LYS B 22 37.40 -25.52 -10.15
N SER B 23 37.95 -25.96 -9.03
CA SER B 23 37.80 -27.36 -8.61
C SER B 23 36.34 -27.74 -8.33
N ASP B 24 35.48 -26.76 -8.05
CA ASP B 24 34.07 -27.10 -7.87
C ASP B 24 33.40 -27.59 -9.14
N TRP B 25 34.02 -27.41 -10.32
CA TRP B 25 33.35 -27.80 -11.56
C TRP B 25 33.11 -29.31 -11.65
N ALA B 26 33.90 -30.12 -10.96
CA ALA B 26 33.64 -31.54 -10.97
C ALA B 26 32.25 -31.83 -10.40
N THR B 27 31.79 -31.02 -9.44
CA THR B 27 30.42 -31.12 -8.88
C THR B 27 29.42 -30.34 -9.78
N MSE B 28 29.77 -29.12 -10.16
CA MSE B 28 28.79 -28.27 -10.82
C MSE B 28 28.48 -28.67 -12.25
O MSE B 28 27.43 -28.29 -12.79
CB MSE B 28 29.24 -26.78 -10.74
CG MSE B 28 29.40 -26.29 -9.30
SE MSE B 28 27.96 -26.67 -8.06
CE MSE B 28 26.75 -25.42 -8.80
N GLN B 29 29.37 -29.46 -12.87
CA GLN B 29 29.08 -29.99 -14.20
CA GLN B 29 29.06 -29.97 -14.20
C GLN B 29 27.78 -30.78 -14.22
N PHE B 30 27.39 -31.35 -13.06
CA PHE B 30 26.15 -32.11 -13.02
C PHE B 30 24.91 -31.20 -13.15
N ALA B 31 25.01 -29.93 -12.73
CA ALA B 31 23.93 -28.99 -13.04
C ALA B 31 23.89 -28.67 -14.53
N ALA B 32 25.05 -28.35 -15.10
CA ALA B 32 25.15 -28.03 -16.53
C ALA B 32 24.60 -29.18 -17.37
N ASP B 33 24.90 -30.45 -17.02
CA ASP B 33 24.45 -31.59 -17.83
C ASP B 33 22.91 -31.68 -17.85
N VAL B 34 22.24 -31.42 -16.71
CA VAL B 34 20.79 -31.42 -16.71
C VAL B 34 20.23 -30.33 -17.62
N LEU B 35 20.78 -29.12 -17.53
CA LEU B 35 20.27 -28.03 -18.37
C LEU B 35 20.52 -28.30 -19.85
N THR B 36 21.67 -28.93 -20.20
CA THR B 36 21.89 -29.32 -21.59
C THR B 36 20.88 -30.34 -22.04
N THR B 37 20.55 -31.35 -21.23
CA THR B 37 19.54 -32.34 -21.64
C THR B 37 18.18 -31.66 -21.86
N LEU B 38 17.86 -30.69 -21.00
CA LEU B 38 16.59 -29.96 -21.09
C LEU B 38 16.60 -28.84 -22.13
N ASN B 39 17.70 -28.65 -22.85
CA ASN B 39 17.79 -27.54 -23.84
CA ASN B 39 17.82 -27.53 -23.81
C ASN B 39 17.51 -26.17 -23.18
N VAL B 40 18.09 -25.92 -22.01
CA VAL B 40 17.94 -24.64 -21.30
C VAL B 40 19.33 -24.00 -21.36
N PRO B 41 19.46 -22.84 -22.01
CA PRO B 41 20.79 -22.17 -22.06
C PRO B 41 21.23 -21.62 -20.71
N PHE B 42 22.56 -21.57 -20.52
CA PHE B 42 23.11 -21.11 -19.25
C PHE B 42 24.49 -20.50 -19.44
N HIS B 43 24.86 -19.66 -18.49
CA HIS B 43 26.20 -19.08 -18.36
C HIS B 43 26.94 -19.77 -17.22
N VAL B 44 28.24 -19.98 -17.35
CA VAL B 44 29.05 -20.57 -16.28
C VAL B 44 30.18 -19.61 -15.92
N GLU B 45 30.44 -19.45 -14.62
CA GLU B 45 31.54 -18.55 -14.20
C GLU B 45 32.06 -18.94 -12.83
N VAL B 46 33.37 -18.83 -12.64
CA VAL B 46 33.99 -18.95 -11.31
C VAL B 46 33.98 -17.54 -10.66
N VAL B 47 33.32 -17.43 -9.52
CA VAL B 47 33.26 -16.18 -8.78
C VAL B 47 33.54 -16.58 -7.34
N SER B 48 34.64 -16.07 -6.73
CA SER B 48 35.04 -16.47 -5.37
C SER B 48 34.58 -15.36 -4.41
N ALA B 49 33.86 -15.68 -3.35
CA ALA B 49 33.48 -14.68 -2.36
C ALA B 49 34.74 -14.11 -1.72
N HIS B 50 35.80 -14.93 -1.54
CA HIS B 50 36.98 -14.44 -0.81
C HIS B 50 38.10 -13.97 -1.67
N ARG B 51 38.27 -14.55 -2.86
CA ARG B 51 39.34 -14.11 -3.75
CA ARG B 51 39.33 -14.09 -3.75
C ARG B 51 38.87 -13.04 -4.75
N THR B 52 37.58 -13.01 -5.05
CA THR B 52 37.07 -12.01 -6.00
C THR B 52 35.83 -11.31 -5.45
N PRO B 53 35.91 -10.72 -4.25
CA PRO B 53 34.74 -10.12 -3.65
C PRO B 53 34.13 -8.99 -4.47
N ASP B 54 34.97 -8.15 -5.07
CA ASP B 54 34.42 -7.08 -5.92
C ASP B 54 33.62 -7.63 -7.12
N ARG B 55 34.16 -8.68 -7.76
CA ARG B 55 33.43 -9.33 -8.85
C ARG B 55 32.14 -9.97 -8.37
N LEU B 56 32.12 -10.53 -7.19
CA LEU B 56 30.87 -11.07 -6.67
C LEU B 56 29.81 -9.95 -6.64
N PHE B 57 30.17 -8.80 -6.08
CA PHE B 57 29.20 -7.71 -6.03
C PHE B 57 28.78 -7.22 -7.42
N SER B 58 29.74 -7.08 -8.36
CA SER B 58 29.39 -6.60 -9.71
CA SER B 58 29.35 -6.58 -9.68
C SER B 58 28.47 -7.59 -10.41
N PHE B 59 28.78 -8.89 -10.26
CA PHE B 59 27.94 -9.93 -10.88
C PHE B 59 26.52 -9.84 -10.33
N ALA B 60 26.38 -9.76 -9.00
CA ALA B 60 25.05 -9.74 -8.41
C ALA B 60 24.33 -8.46 -8.76
N GLU B 61 25.01 -7.30 -8.72
CA GLU B 61 24.36 -6.03 -9.07
C GLU B 61 23.76 -6.07 -10.46
N GLN B 62 24.44 -6.73 -11.38
CA GLN B 62 24.05 -6.71 -12.78
C GLN B 62 23.18 -7.87 -13.19
N ALA B 63 22.91 -8.82 -12.30
CA ALA B 63 22.17 -10.03 -12.68
C ALA B 63 20.81 -9.76 -13.27
N GLU B 64 20.04 -8.87 -12.66
CA GLU B 64 18.71 -8.57 -13.18
C GLU B 64 18.77 -7.93 -14.56
N ALA B 65 19.62 -6.93 -14.71
CA ALA B 65 19.73 -6.22 -15.97
C ALA B 65 20.24 -7.15 -17.08
N ASN B 66 21.03 -8.16 -16.68
CA ASN B 66 21.56 -9.18 -17.61
C ASN B 66 20.55 -10.27 -17.96
N GLY B 67 19.35 -10.18 -17.40
CA GLY B 67 18.30 -11.10 -17.80
C GLY B 67 18.28 -12.40 -17.03
N LEU B 68 19.08 -12.52 -15.94
CA LEU B 68 19.02 -13.74 -15.15
C LEU B 68 17.74 -13.87 -14.34
N HIS B 69 17.21 -15.10 -14.31
CA HIS B 69 16.05 -15.43 -13.46
C HIS B 69 16.41 -16.32 -12.33
N VAL B 70 17.46 -17.15 -12.47
CA VAL B 70 17.91 -18.00 -11.36
C VAL B 70 19.43 -18.08 -11.38
N ILE B 71 20.06 -17.94 -10.20
CA ILE B 71 21.52 -18.16 -10.08
C ILE B 71 21.72 -19.44 -9.29
N ILE B 72 22.45 -20.41 -9.82
CA ILE B 72 22.84 -21.62 -9.09
C ILE B 72 24.25 -21.39 -8.68
N ALA B 73 24.49 -21.42 -7.38
CA ALA B 73 25.86 -21.10 -6.85
C ALA B 73 26.34 -22.24 -5.97
N GLY B 74 27.51 -22.80 -6.36
CA GLY B 74 28.17 -23.91 -5.58
C GLY B 74 29.36 -23.36 -4.80
N ASN B 75 29.56 -23.84 -3.57
CA ASN B 75 30.76 -23.43 -2.81
C ASN B 75 30.91 -24.42 -1.66
N GLY B 76 32.10 -24.47 -1.10
CA GLY B 76 32.34 -25.41 0.01
C GLY B 76 33.13 -24.82 1.12
N GLY B 77 33.21 -25.55 2.24
CA GLY B 77 33.91 -25.08 3.43
C GLY B 77 33.15 -23.95 4.09
N ALA B 78 33.83 -22.82 4.33
CA ALA B 78 33.14 -21.57 4.74
C ALA B 78 32.60 -21.06 3.40
N ALA B 79 31.40 -21.51 3.07
CA ALA B 79 30.84 -21.39 1.72
C ALA B 79 29.99 -20.14 1.65
N HIS B 80 30.61 -18.99 1.42
CA HIS B 80 29.93 -17.70 1.49
C HIS B 80 29.38 -17.21 0.15
N LEU B 81 29.77 -17.86 -0.96
CA LEU B 81 29.31 -17.35 -2.25
C LEU B 81 27.77 -17.22 -2.39
N PRO B 82 26.98 -18.29 -2.11
CA PRO B 82 25.52 -18.15 -2.39
C PRO B 82 24.89 -17.06 -1.55
N GLY B 83 25.25 -16.96 -0.29
CA GLY B 83 24.59 -15.97 0.60
C GLY B 83 24.99 -14.56 0.25
N MSE B 84 26.23 -14.32 -0.15
CA MSE B 84 26.63 -12.99 -0.49
C MSE B 84 26.03 -12.54 -1.82
O MSE B 84 25.69 -11.35 -1.96
CB MSE B 84 28.18 -12.85 -0.48
CG MSE B 84 28.80 -13.03 0.96
SE MSE B 84 28.02 -11.83 2.27
CE MSE B 84 28.33 -10.14 1.45
N LEU B 85 25.89 -13.47 -2.79
CA LEU B 85 25.10 -13.14 -3.99
C LEU B 85 23.68 -12.76 -3.61
N ALA B 86 23.02 -13.58 -2.77
CA ALA B 86 21.61 -13.30 -2.41
C ALA B 86 21.45 -11.98 -1.70
N ALA B 87 22.48 -11.52 -0.97
CA ALA B 87 22.43 -10.23 -0.28
C ALA B 87 22.42 -9.05 -1.23
N LYS B 88 22.82 -9.28 -2.49
CA LYS B 88 23.09 -8.20 -3.42
C LYS B 88 22.22 -8.21 -4.65
N THR B 89 21.29 -9.16 -4.75
CA THR B 89 20.32 -9.20 -5.84
C THR B 89 19.00 -9.79 -5.36
N LEU B 90 17.90 -9.42 -6.00
CA LEU B 90 16.62 -10.10 -5.76
C LEU B 90 16.39 -11.26 -6.70
N VAL B 91 17.31 -11.51 -7.64
CA VAL B 91 17.19 -12.74 -8.44
C VAL B 91 17.33 -13.95 -7.50
N PRO B 92 16.44 -14.96 -7.62
CA PRO B 92 16.57 -16.13 -6.72
C PRO B 92 17.93 -16.81 -6.83
N VAL B 93 18.49 -17.17 -5.67
CA VAL B 93 19.76 -17.90 -5.62
C VAL B 93 19.48 -19.27 -5.01
N LEU B 94 19.94 -20.31 -5.71
CA LEU B 94 19.93 -21.70 -5.23
C LEU B 94 21.36 -22.04 -4.89
N GLY B 95 21.58 -22.68 -3.76
CA GLY B 95 22.94 -22.98 -3.28
C GLY B 95 23.23 -24.47 -3.26
N VAL B 96 24.41 -24.86 -3.74
CA VAL B 96 24.85 -26.24 -3.76
C VAL B 96 26.06 -26.39 -2.86
N PRO B 97 25.94 -27.11 -1.75
CA PRO B 97 27.08 -27.35 -0.86
C PRO B 97 28.06 -28.34 -1.48
N VAL B 98 29.27 -27.91 -1.80
CA VAL B 98 30.26 -28.84 -2.36
C VAL B 98 30.82 -29.68 -1.22
N GLN B 99 31.02 -30.98 -1.46
CA GLN B 99 31.54 -31.83 -0.37
C GLN B 99 32.97 -31.40 -0.05
N SER B 100 33.26 -31.06 1.21
CA SER B 100 34.63 -30.72 1.60
C SER B 100 35.36 -31.95 2.14
N ALA B 101 36.68 -31.89 2.24
CA ALA B 101 37.47 -33.07 2.62
C ALA B 101 37.26 -33.44 4.10
N ALA B 102 37.61 -32.57 5.04
CA ALA B 102 37.58 -33.00 6.43
C ALA B 102 36.13 -33.21 6.89
N LEU B 103 35.27 -32.21 6.65
CA LEU B 103 33.93 -32.23 7.29
C LEU B 103 32.84 -32.77 6.34
N SER B 104 33.24 -33.28 5.17
CA SER B 104 32.29 -33.97 4.25
C SER B 104 31.08 -33.12 3.91
N GLY B 105 31.29 -31.81 3.77
CA GLY B 105 30.26 -30.91 3.38
C GLY B 105 29.32 -30.45 4.46
N VAL B 106 29.54 -30.81 5.72
CA VAL B 106 28.67 -30.28 6.77
C VAL B 106 28.97 -28.78 6.97
N ASP B 107 30.25 -28.40 6.90
CA ASP B 107 30.58 -26.96 6.86
C ASP B 107 29.93 -26.25 5.69
N SER B 108 30.01 -26.85 4.51
CA SER B 108 29.39 -26.24 3.32
C SER B 108 27.90 -26.05 3.53
N LEU B 109 27.26 -27.12 4.03
CA LEU B 109 25.82 -27.05 4.20
C LEU B 109 25.40 -26.02 5.23
N TYR B 110 26.06 -26.01 6.38
CA TYR B 110 25.63 -25.05 7.41
C TYR B 110 25.88 -23.62 6.97
N SER B 111 26.98 -23.36 6.25
CA SER B 111 27.33 -22.01 5.76
C SER B 111 26.34 -21.46 4.74
N ILE B 112 25.65 -22.36 4.03
CA ILE B 112 24.70 -22.00 2.98
C ILE B 112 23.27 -22.01 3.48
N VAL B 113 22.86 -23.07 4.18
CA VAL B 113 21.45 -23.18 4.47
C VAL B 113 20.99 -22.30 5.63
N GLN B 114 21.90 -21.97 6.58
CA GLN B 114 21.50 -21.27 7.81
C GLN B 114 21.37 -19.77 7.67
N MSE B 115 21.03 -19.30 6.48
CA MSE B 115 20.91 -17.86 6.27
C MSE B 115 19.85 -17.24 7.17
O MSE B 115 18.81 -17.81 7.38
CB MSE B 115 20.53 -17.59 4.81
CG MSE B 115 21.63 -17.90 3.83
SE MSE B 115 23.20 -16.69 3.99
CE MSE B 115 22.37 -15.09 3.21
N PRO B 116 20.16 -16.07 7.69
CA PRO B 116 19.25 -15.36 8.59
C PRO B 116 18.07 -14.72 7.88
N ARG B 117 17.05 -14.39 8.66
CA ARG B 117 15.85 -13.77 8.14
C ARG B 117 16.18 -12.60 7.22
N GLY B 118 15.61 -12.61 6.02
CA GLY B 118 15.73 -11.49 5.10
C GLY B 118 16.43 -11.77 3.83
N ILE B 119 17.33 -12.74 3.83
CA ILE B 119 18.15 -13.01 2.65
CA ILE B 119 18.16 -13.00 2.66
C ILE B 119 18.18 -14.51 2.46
N PRO B 120 17.30 -15.05 1.63
CA PRO B 120 17.20 -16.51 1.44
C PRO B 120 18.16 -17.08 0.42
N VAL B 121 18.60 -18.33 0.65
CA VAL B 121 19.23 -19.16 -0.39
C VAL B 121 18.51 -20.49 -0.35
N GLY B 122 17.95 -20.91 -1.48
CA GLY B 122 17.29 -22.26 -1.52
C GLY B 122 18.36 -23.30 -1.67
N THR B 123 18.54 -24.18 -0.66
CA THR B 123 19.72 -25.05 -0.65
C THR B 123 19.35 -26.45 -1.08
N LEU B 124 20.25 -27.08 -1.84
CA LEU B 124 20.10 -28.46 -2.30
C LEU B 124 21.09 -29.39 -1.60
N ALA B 125 21.05 -30.68 -1.91
CA ALA B 125 21.85 -31.67 -1.19
C ALA B 125 23.33 -31.44 -1.37
N ILE B 126 24.11 -31.98 -0.43
CA ILE B 126 25.58 -31.94 -0.61
C ILE B 126 25.97 -32.69 -1.88
N GLY B 127 26.83 -32.06 -2.67
CA GLY B 127 27.52 -32.75 -3.79
C GLY B 127 26.73 -32.80 -5.09
N LYS B 128 27.10 -33.76 -5.93
CA LYS B 128 26.57 -33.85 -7.28
C LYS B 128 25.07 -34.03 -7.34
N ALA B 129 24.45 -34.66 -6.34
CA ALA B 129 22.98 -34.80 -6.35
C ALA B 129 22.35 -33.43 -6.24
N GLY B 130 22.91 -32.58 -5.38
CA GLY B 130 22.42 -31.21 -5.19
C GLY B 130 22.65 -30.36 -6.42
N ALA B 131 23.78 -30.55 -7.10
CA ALA B 131 24.00 -29.75 -8.32
C ALA B 131 22.96 -30.10 -9.38
N ALA B 132 22.75 -31.40 -9.63
CA ALA B 132 21.73 -31.79 -10.60
C ALA B 132 20.35 -31.27 -10.16
N ASN B 133 20.03 -31.36 -8.88
CA ASN B 133 18.72 -30.89 -8.41
C ASN B 133 18.59 -29.39 -8.45
N ALA B 134 19.66 -28.64 -8.26
CA ALA B 134 19.56 -27.19 -8.44
C ALA B 134 19.20 -26.82 -9.88
N ALA B 135 19.77 -27.53 -10.84
CA ALA B 135 19.34 -27.33 -12.22
C ALA B 135 17.88 -27.68 -12.45
N LEU B 136 17.42 -28.81 -11.91
CA LEU B 136 16.02 -29.17 -12.05
C LEU B 136 15.09 -28.14 -11.38
N LEU B 137 15.42 -27.66 -10.18
CA LEU B 137 14.58 -26.70 -9.51
C LEU B 137 14.59 -25.38 -10.30
N ALA B 138 15.77 -24.94 -10.78
CA ALA B 138 15.80 -23.74 -11.62
C ALA B 138 14.91 -23.90 -12.86
N ALA B 139 14.99 -25.07 -13.52
CA ALA B 139 14.16 -25.31 -14.67
C ALA B 139 12.68 -25.35 -14.28
N GLN B 140 12.32 -25.92 -13.13
CA GLN B 140 10.92 -25.90 -12.71
C GLN B 140 10.43 -24.47 -12.44
N ILE B 141 11.30 -23.60 -11.93
CA ILE B 141 10.95 -22.20 -11.76
C ILE B 141 10.70 -21.54 -13.14
N LEU B 142 11.63 -21.75 -14.08
CA LEU B 142 11.41 -21.19 -15.41
C LEU B 142 10.12 -21.72 -16.06
N ALA B 143 9.83 -23.02 -15.84
CA ALA B 143 8.70 -23.66 -16.47
C ALA B 143 7.34 -23.08 -16.01
N LEU B 144 7.28 -22.32 -14.92
CA LEU B 144 6.07 -21.61 -14.54
C LEU B 144 5.60 -20.71 -15.70
N HIS B 145 6.52 -20.23 -16.56
CA HIS B 145 6.18 -19.34 -17.66
C HIS B 145 6.86 -19.83 -18.95
N ASP B 146 7.04 -21.13 -19.12
CA ASP B 146 7.65 -21.71 -20.35
C ASP B 146 7.03 -23.05 -20.52
N THR B 147 5.94 -23.08 -21.30
CA THR B 147 5.16 -24.33 -21.45
C THR B 147 5.93 -25.43 -22.13
N GLU B 148 6.80 -25.07 -23.08
CA GLU B 148 7.56 -26.12 -23.73
CA GLU B 148 7.61 -26.07 -23.77
C GLU B 148 8.55 -26.75 -22.77
N LEU B 149 9.22 -25.95 -21.93
CA LEU B 149 10.12 -26.50 -20.93
C LEU B 149 9.34 -27.34 -19.91
N ALA B 150 8.13 -26.87 -19.55
CA ALA B 150 7.31 -27.69 -18.64
C ALA B 150 7.08 -29.06 -19.25
N GLY B 151 6.78 -29.15 -20.55
CA GLY B 151 6.62 -30.46 -21.18
C GLY B 151 7.88 -31.28 -21.16
N ARG B 152 9.04 -30.67 -21.41
CA ARG B 152 10.28 -31.42 -21.36
C ARG B 152 10.61 -31.93 -19.97
N LEU B 153 10.28 -31.15 -18.92
CA LEU B 153 10.45 -31.64 -17.54
C LEU B 153 9.49 -32.78 -17.25
N ALA B 154 8.24 -32.67 -17.70
CA ALA B 154 7.27 -33.78 -17.49
C ALA B 154 7.80 -35.06 -18.16
N HIS B 155 8.41 -34.94 -19.35
CA HIS B 155 8.94 -36.11 -20.03
C HIS B 155 10.18 -36.66 -19.31
N TRP B 156 11.02 -35.76 -18.82
CA TRP B 156 12.22 -36.16 -18.09
C TRP B 156 11.79 -36.97 -16.85
N ARG B 157 10.77 -36.48 -16.14
CA ARG B 157 10.29 -37.19 -14.93
C ARG B 157 9.67 -38.52 -15.31
N GLN B 158 8.86 -38.55 -16.36
CA GLN B 158 8.24 -39.82 -16.76
C GLN B 158 9.32 -40.82 -17.14
N SER B 159 10.38 -40.40 -17.82
CA SER B 159 11.46 -41.31 -18.20
CA SER B 159 11.44 -41.31 -18.20
C SER B 159 12.16 -41.86 -16.95
N GLN B 160 12.43 -40.99 -15.97
CA GLN B 160 13.11 -41.51 -14.79
C GLN B 160 12.24 -42.52 -14.02
N THR B 161 10.94 -42.26 -13.96
CA THR B 161 9.99 -43.18 -13.34
C THR B 161 9.98 -44.52 -14.09
N ASP B 162 9.84 -44.44 -15.42
CA ASP B 162 9.75 -45.65 -16.22
C ASP B 162 11.00 -46.49 -16.13
N ASP B 163 12.16 -45.84 -16.07
CA ASP B 163 13.44 -46.58 -15.94
C ASP B 163 13.47 -47.42 -14.66
N VAL B 164 12.89 -46.91 -13.56
CA VAL B 164 12.77 -47.74 -12.33
C VAL B 164 11.70 -48.84 -12.51
N LEU B 165 10.52 -48.51 -13.04
CA LEU B 165 9.43 -49.47 -13.14
C LEU B 165 9.76 -50.58 -14.14
N ASP B 166 10.57 -50.29 -15.16
CA ASP B 166 10.94 -51.32 -16.16
C ASP B 166 12.01 -52.29 -15.68
N ASN B 167 12.61 -51.99 -14.54
CA ASN B 167 13.70 -52.83 -14.00
C ASN B 167 13.46 -53.12 -12.53
N PRO B 168 12.36 -53.79 -12.20
CA PRO B 168 12.03 -53.92 -10.77
C PRO B 168 12.95 -54.87 -9.98
N ASP B 169 13.62 -55.83 -10.63
CA ASP B 169 14.38 -56.82 -9.89
C ASP B 169 15.85 -56.45 -10.04
N PRO B 170 16.54 -56.05 -8.95
CA PRO B 170 17.88 -55.53 -9.07
C PRO B 170 18.91 -56.62 -9.43
N ARG B 171 18.52 -57.89 -9.30
CA ARG B 171 19.40 -59.00 -9.64
C ARG B 171 19.49 -59.21 -11.16
N GLU B 172 18.60 -58.55 -11.90
CA GLU B 172 18.49 -58.73 -13.35
CA GLU B 172 18.47 -58.72 -13.36
C GLU B 172 19.01 -57.54 -14.15
N GLU B 173 19.54 -57.85 -15.33
CA GLU B 173 19.96 -56.88 -16.36
C GLU B 173 21.30 -56.19 -16.09
N ALA C 8 5.22 3.32 -3.84
CA ALA C 8 5.45 3.99 -5.16
C ALA C 8 4.70 3.36 -6.37
N TYR C 9 4.85 4.06 -7.50
CA TYR C 9 4.45 3.56 -8.81
C TYR C 9 5.14 2.19 -9.08
N ALA C 10 6.46 2.15 -8.87
CA ALA C 10 7.25 0.92 -8.90
C ALA C 10 6.68 -0.25 -8.11
N ALA C 11 5.95 0.03 -7.03
CA ALA C 11 5.50 -1.01 -6.10
C ALA C 11 4.01 -1.35 -6.22
N GLY C 12 3.34 -0.70 -7.17
CA GLY C 12 1.93 -1.01 -7.40
C GLY C 12 1.00 -0.34 -6.38
N VAL C 13 1.44 0.78 -5.79
CA VAL C 13 0.57 1.52 -4.86
C VAL C 13 -0.42 2.37 -5.68
N LYS C 14 -1.68 1.95 -5.67
CA LYS C 14 -2.68 2.63 -6.52
C LYS C 14 -3.70 3.38 -5.66
N ILE C 15 -3.67 3.18 -4.34
CA ILE C 15 -4.62 3.84 -3.41
C ILE C 15 -3.82 4.62 -2.37
N ALA C 16 -4.30 5.81 -2.02
CA ALA C 16 -3.79 6.54 -0.85
C ALA C 16 -4.95 6.76 0.12
N ILE C 17 -4.70 6.55 1.40
CA ILE C 17 -5.63 6.89 2.48
C ILE C 17 -5.04 8.10 3.16
N VAL C 18 -5.73 9.24 3.05
CA VAL C 18 -5.26 10.50 3.66
C VAL C 18 -6.32 11.02 4.60
N MSE C 19 -5.89 11.85 5.56
CA MSE C 19 -6.86 12.36 6.56
C MSE C 19 -6.39 13.67 7.06
O MSE C 19 -5.19 13.93 7.09
CB MSE C 19 -7.02 11.37 7.71
CG MSE C 19 -5.74 11.14 8.52
SE MSE C 19 -5.52 9.35 9.18
CE MSE C 19 -5.17 8.53 7.48
N GLY C 20 -7.33 14.47 7.57
CA GLY C 20 -6.98 15.83 7.98
C GLY C 20 -6.22 15.92 9.30
N SER C 21 -6.35 14.90 10.16
CA SER C 21 -5.75 14.96 11.49
CA SER C 21 -5.79 14.95 11.51
C SER C 21 -5.35 13.58 11.95
N LYS C 22 -4.27 13.48 12.72
CA LYS C 22 -3.82 12.20 13.27
C LYS C 22 -4.96 11.53 14.07
N SER C 23 -5.80 12.33 14.75
CA SER C 23 -6.92 11.72 15.48
C SER C 23 -7.94 11.02 14.57
N ASP C 24 -7.92 11.33 13.28
CA ASP C 24 -8.85 10.63 12.36
C ASP C 24 -8.42 9.19 12.09
N TRP C 25 -7.22 8.82 12.49
CA TRP C 25 -6.76 7.47 12.25
C TRP C 25 -7.62 6.41 12.99
N ALA C 26 -8.22 6.74 14.13
CA ALA C 26 -9.08 5.75 14.76
C ALA C 26 -10.21 5.33 13.83
N THR C 27 -10.66 6.25 12.97
CA THR C 27 -11.69 5.94 12.00
C THR C 27 -11.07 5.35 10.70
N MSE C 28 -10.04 6.01 10.17
CA MSE C 28 -9.47 5.62 8.87
C MSE C 28 -8.75 4.27 8.88
O MSE C 28 -8.56 3.65 7.78
CB MSE C 28 -8.58 6.75 8.33
CG MSE C 28 -9.31 8.08 8.18
SE MSE C 28 -10.99 8.01 7.25
CE MSE C 28 -10.28 7.64 5.48
N GLN C 29 -8.33 3.80 10.07
CA GLN C 29 -7.72 2.46 10.14
C GLN C 29 -8.67 1.39 9.58
N PHE C 30 -9.97 1.65 9.64
CA PHE C 30 -10.90 0.67 9.13
C PHE C 30 -10.85 0.55 7.60
N ALA C 31 -10.43 1.62 6.92
CA ALA C 31 -10.20 1.52 5.47
C ALA C 31 -8.95 0.70 5.22
N ALA C 32 -7.89 1.01 6.00
CA ALA C 32 -6.64 0.29 5.86
C ALA C 32 -6.82 -1.21 6.09
N ASP C 33 -7.60 -1.58 7.08
CA ASP C 33 -7.78 -3.00 7.39
C ASP C 33 -8.44 -3.74 6.24
N VAL C 34 -9.40 -3.12 5.56
CA VAL C 34 -10.06 -3.77 4.41
C VAL C 34 -9.02 -3.97 3.32
N LEU C 35 -8.23 -2.94 3.01
CA LEU C 35 -7.25 -3.08 1.92
C LEU C 35 -6.22 -4.17 2.26
N THR C 36 -5.78 -4.23 3.51
CA THR C 36 -4.83 -5.30 3.91
C THR C 36 -5.43 -6.69 3.68
N THR C 37 -6.69 -6.85 4.08
CA THR C 37 -7.41 -8.13 3.88
C THR C 37 -7.48 -8.49 2.41
N LEU C 38 -7.71 -7.50 1.55
CA LEU C 38 -7.83 -7.74 0.10
C LEU C 38 -6.47 -7.73 -0.63
N ASN C 39 -5.37 -7.59 0.12
CA ASN C 39 -4.04 -7.57 -0.52
C ASN C 39 -3.84 -6.40 -1.52
N VAL C 40 -4.35 -5.22 -1.17
CA VAL C 40 -4.25 -4.07 -2.02
C VAL C 40 -3.24 -3.12 -1.38
N PRO C 41 -2.08 -2.87 -2.01
CA PRO C 41 -1.10 -1.94 -1.44
C PRO C 41 -1.66 -0.52 -1.32
N PHE C 42 -1.25 0.22 -0.29
CA PHE C 42 -1.75 1.59 -0.12
C PHE C 42 -0.71 2.44 0.61
N HIS C 43 -0.84 3.75 0.43
CA HIS C 43 -0.07 4.78 1.15
C HIS C 43 -0.95 5.40 2.20
N VAL C 44 -0.42 5.83 3.33
CA VAL C 44 -1.19 6.54 4.37
C VAL C 44 -0.48 7.82 4.72
N GLU C 45 -1.23 8.92 4.84
CA GLU C 45 -0.60 10.20 5.19
C GLU C 45 -1.63 11.12 5.85
N VAL C 46 -1.18 11.90 6.84
CA VAL C 46 -1.95 13.02 7.38
C VAL C 46 -1.66 14.26 6.51
N VAL C 47 -2.71 14.79 5.88
CA VAL C 47 -2.62 16.01 5.07
C VAL C 47 -3.79 16.87 5.52
N SER C 48 -3.50 18.02 6.09
CA SER C 48 -4.54 18.91 6.63
C SER C 48 -4.85 20.01 5.65
N ALA C 49 -6.11 20.18 5.27
CA ALA C 49 -6.42 21.26 4.34
C ALA C 49 -6.09 22.62 4.96
N HIS C 50 -6.21 22.73 6.29
CA HIS C 50 -6.07 24.00 6.93
C HIS C 50 -4.69 24.24 7.56
N ARG C 51 -4.06 23.18 8.09
CA ARG C 51 -2.76 23.30 8.69
CA ARG C 51 -2.75 23.32 8.68
C ARG C 51 -1.63 23.04 7.67
N THR C 52 -1.93 22.29 6.60
CA THR C 52 -0.86 22.03 5.61
C THR C 52 -1.42 22.24 4.17
N PRO C 53 -1.95 23.43 3.87
CA PRO C 53 -2.57 23.64 2.58
C PRO C 53 -1.60 23.43 1.41
N ASP C 54 -0.35 23.84 1.58
CA ASP C 54 0.61 23.65 0.49
C ASP C 54 0.89 22.20 0.21
N ARG C 55 0.99 21.38 1.27
CA ARG C 55 1.17 19.93 1.08
C ARG C 55 -0.06 19.32 0.41
N LEU C 56 -1.25 19.84 0.71
CA LEU C 56 -2.45 19.31 0.04
C LEU C 56 -2.31 19.53 -1.46
N PHE C 57 -1.91 20.73 -1.86
CA PHE C 57 -1.76 20.98 -3.28
C PHE C 57 -0.69 20.12 -3.92
N SER C 58 0.46 19.99 -3.28
CA SER C 58 1.55 19.19 -3.85
CA SER C 58 1.53 19.19 -3.87
C SER C 58 1.15 17.72 -3.98
N PHE C 59 0.49 17.21 -2.93
CA PHE C 59 0.05 15.82 -2.98
C PHE C 59 -0.95 15.60 -4.15
N ALA C 60 -1.94 16.46 -4.29
CA ALA C 60 -2.90 16.32 -5.37
C ALA C 60 -2.23 16.47 -6.74
N GLU C 61 -1.39 17.49 -6.89
CA GLU C 61 -0.75 17.71 -8.21
C GLU C 61 0.04 16.50 -8.66
N GLN C 62 0.65 15.80 -7.71
CA GLN C 62 1.55 14.68 -8.11
CA GLN C 62 1.57 14.68 -8.04
C GLN C 62 0.85 13.31 -8.08
N ALA C 63 -0.45 13.27 -7.74
CA ALA C 63 -1.16 12.00 -7.57
C ALA C 63 -1.15 11.17 -8.84
N GLU C 64 -1.49 11.80 -9.99
CA GLU C 64 -1.54 11.04 -11.24
C GLU C 64 -0.14 10.49 -11.60
N ALA C 65 0.90 11.32 -11.50
CA ALA C 65 2.26 10.83 -11.85
C ALA C 65 2.83 9.82 -10.86
N ASN C 66 2.34 9.89 -9.61
CA ASN C 66 2.72 8.90 -8.60
C ASN C 66 2.06 7.54 -8.83
N GLY C 67 1.12 7.47 -9.78
CA GLY C 67 0.42 6.23 -10.09
C GLY C 67 -0.84 5.95 -9.29
N LEU C 68 -1.42 6.96 -8.62
CA LEU C 68 -2.62 6.71 -7.83
C LEU C 68 -3.82 6.60 -8.71
N HIS C 69 -4.73 5.66 -8.37
CA HIS C 69 -6.01 5.54 -9.11
C HIS C 69 -7.18 6.02 -8.27
N VAL C 70 -7.09 5.89 -6.96
CA VAL C 70 -8.15 6.37 -6.07
C VAL C 70 -7.52 6.94 -4.83
N ILE C 71 -8.07 8.08 -4.38
CA ILE C 71 -7.67 8.69 -3.13
C ILE C 71 -8.83 8.57 -2.18
N ILE C 72 -8.60 8.01 -0.99
CA ILE C 72 -9.62 7.95 0.07
C ILE C 72 -9.25 9.01 1.08
N ALA C 73 -10.14 9.99 1.30
CA ALA C 73 -9.78 11.14 2.16
C ALA C 73 -10.81 11.26 3.28
N GLY C 74 -10.33 11.24 4.52
CA GLY C 74 -11.20 11.45 5.72
C GLY C 74 -11.00 12.78 6.32
N ASN C 75 -12.09 13.39 6.76
CA ASN C 75 -11.98 14.67 7.45
C ASN C 75 -13.31 14.93 8.18
N GLY C 76 -13.25 15.81 9.17
CA GLY C 76 -14.46 16.11 9.97
C GLY C 76 -14.62 17.60 10.23
N GLY C 77 -15.77 17.92 10.77
CA GLY C 77 -16.10 19.35 11.06
C GLY C 77 -16.27 20.10 9.76
N ALA C 78 -15.53 21.18 9.61
CA ALA C 78 -15.44 21.89 8.32
C ALA C 78 -14.46 21.08 7.54
N ALA C 79 -14.99 20.07 6.86
CA ALA C 79 -14.17 18.96 6.33
C ALA C 79 -13.82 19.23 4.88
N HIS C 80 -12.78 20.02 4.66
CA HIS C 80 -12.45 20.55 3.35
C HIS C 80 -11.43 19.69 2.59
N LEU C 81 -10.79 18.73 3.29
CA LEU C 81 -9.73 17.96 2.59
C LEU C 81 -10.18 17.22 1.30
N PRO C 82 -11.27 16.44 1.34
CA PRO C 82 -11.62 15.69 0.12
C PRO C 82 -11.87 16.63 -1.07
N GLY C 83 -12.66 17.69 -0.84
CA GLY C 83 -13.04 18.54 -1.99
C GLY C 83 -11.87 19.32 -2.52
N MSE C 84 -10.94 19.76 -1.67
CA MSE C 84 -9.78 20.45 -2.19
C MSE C 84 -8.82 19.54 -2.93
O MSE C 84 -8.20 19.98 -3.90
CB MSE C 84 -9.08 21.23 -1.06
CG MSE C 84 -9.95 22.37 -0.47
SE MSE C 84 -10.62 23.62 -1.82
CE MSE C 84 -8.98 24.16 -2.55
N LEU C 85 -8.75 18.28 -2.53
CA LEU C 85 -7.94 17.33 -3.31
C LEU C 85 -8.60 17.19 -4.67
N ALA C 86 -9.93 16.98 -4.68
CA ALA C 86 -10.64 16.74 -5.96
C ALA C 86 -10.54 17.91 -6.90
N ALA C 87 -10.38 19.12 -6.37
CA ALA C 87 -10.25 20.33 -7.20
C ALA C 87 -8.90 20.35 -7.94
N LYS C 88 -7.94 19.56 -7.44
CA LYS C 88 -6.55 19.66 -7.89
C LYS C 88 -6.03 18.45 -8.63
N THR C 89 -6.86 17.41 -8.81
CA THR C 89 -6.44 16.22 -9.54
C THR C 89 -7.69 15.62 -10.21
N LEU C 90 -7.47 14.89 -11.30
CA LEU C 90 -8.54 14.06 -11.92
C LEU C 90 -8.56 12.65 -11.37
N VAL C 91 -7.64 12.27 -10.49
CA VAL C 91 -7.73 10.99 -9.81
C VAL C 91 -9.03 11.00 -8.96
N PRO C 92 -9.88 9.98 -9.10
CA PRO C 92 -11.11 9.97 -8.25
C PRO C 92 -10.83 10.08 -6.75
N VAL C 93 -11.65 10.88 -6.07
CA VAL C 93 -11.57 11.08 -4.61
C VAL C 93 -12.86 10.62 -3.96
N LEU C 94 -12.66 9.74 -2.97
CA LEU C 94 -13.77 9.25 -2.14
C LEU C 94 -13.61 9.91 -0.79
N GLY C 95 -14.68 10.41 -0.23
CA GLY C 95 -14.61 11.16 1.02
C GLY C 95 -15.32 10.43 2.16
N VAL C 96 -14.69 10.42 3.33
CA VAL C 96 -15.21 9.77 4.53
C VAL C 96 -15.44 10.87 5.57
N PRO C 97 -16.71 11.14 5.95
CA PRO C 97 -17.00 12.09 7.00
C PRO C 97 -16.65 11.51 8.37
N VAL C 98 -15.71 12.09 9.09
CA VAL C 98 -15.36 11.64 10.43
C VAL C 98 -16.39 12.21 11.39
N GLN C 99 -16.82 11.41 12.37
CA GLN C 99 -17.86 11.87 13.31
C GLN C 99 -17.29 12.95 14.20
N SER C 100 -17.94 14.11 14.21
CA SER C 100 -17.49 15.21 15.05
C SER C 100 -18.22 15.19 16.38
N ALA C 101 -17.70 15.92 17.35
CA ALA C 101 -18.27 15.82 18.68
C ALA C 101 -19.63 16.51 18.82
N ALA C 102 -19.70 17.82 18.60
CA ALA C 102 -20.98 18.51 18.81
C ALA C 102 -22.05 18.05 17.83
N LEU C 103 -21.71 18.05 16.54
CA LEU C 103 -22.72 17.86 15.48
C LEU C 103 -22.80 16.45 14.93
N SER C 104 -22.08 15.51 15.56
CA SER C 104 -22.16 14.06 15.25
C SER C 104 -21.91 13.76 13.77
N GLY C 105 -21.05 14.56 13.14
CA GLY C 105 -20.72 14.31 11.75
C GLY C 105 -21.64 14.92 10.70
N VAL C 106 -22.67 15.65 11.13
CA VAL C 106 -23.52 16.31 10.13
C VAL C 106 -22.73 17.42 9.43
N ASP C 107 -21.94 18.18 10.20
CA ASP C 107 -21.04 19.16 9.58
C ASP C 107 -20.09 18.47 8.62
N SER C 108 -19.49 17.35 9.07
CA SER C 108 -18.55 16.62 8.20
C SER C 108 -19.20 16.20 6.91
N LEU C 109 -20.39 15.60 7.07
CA LEU C 109 -21.12 15.08 5.89
C LEU C 109 -21.49 16.20 4.93
N TYR C 110 -22.11 17.30 5.42
CA TYR C 110 -22.49 18.38 4.50
C TYR C 110 -21.30 18.98 3.82
N SER C 111 -20.19 19.18 4.55
CA SER C 111 -19.08 19.88 3.94
CA SER C 111 -18.97 19.78 4.03
C SER C 111 -18.34 18.99 2.91
N ILE C 112 -18.58 17.68 2.90
CA ILE C 112 -17.96 16.80 1.91
C ILE C 112 -18.93 16.51 0.76
N VAL C 113 -20.18 16.14 1.07
CA VAL C 113 -21.05 15.61 0.02
C VAL C 113 -21.61 16.71 -0.90
N GLN C 114 -21.77 17.94 -0.38
CA GLN C 114 -22.51 19.00 -1.08
C GLN C 114 -21.65 19.75 -2.11
N MSE C 115 -20.65 19.08 -2.68
CA MSE C 115 -19.79 19.67 -3.73
C MSE C 115 -20.62 20.18 -4.91
O MSE C 115 -21.51 19.50 -5.39
CB MSE C 115 -18.78 18.64 -4.26
CG MSE C 115 -17.74 18.30 -3.24
SE MSE C 115 -16.58 19.76 -2.68
CE MSE C 115 -15.46 19.77 -4.23
N PRO C 116 -20.26 21.36 -5.42
CA PRO C 116 -20.96 21.97 -6.52
C PRO C 116 -20.52 21.30 -7.84
N ARG C 117 -21.34 21.57 -8.87
CA ARG C 117 -21.12 20.99 -10.19
C ARG C 117 -19.70 21.24 -10.68
N GLY C 118 -19.00 20.19 -11.10
CA GLY C 118 -17.72 20.31 -11.78
C GLY C 118 -16.58 19.62 -11.09
N ILE C 119 -16.73 19.38 -9.77
CA ILE C 119 -15.69 18.79 -8.94
C ILE C 119 -16.35 17.80 -7.97
N PRO C 120 -16.40 16.53 -8.32
CA PRO C 120 -17.09 15.51 -7.53
C PRO C 120 -16.21 14.94 -6.38
N VAL C 121 -16.86 14.57 -5.29
CA VAL C 121 -16.31 13.65 -4.25
C VAL C 121 -17.34 12.58 -3.97
N GLY C 122 -16.96 11.31 -4.20
CA GLY C 122 -17.89 10.23 -3.88
C GLY C 122 -17.90 9.98 -2.38
N THR C 123 -19.03 10.23 -1.71
CA THR C 123 -19.04 10.30 -0.23
C THR C 123 -19.63 9.01 0.35
N LEU C 124 -19.02 8.53 1.44
CA LEU C 124 -19.46 7.34 2.17
C LEU C 124 -20.05 7.73 3.54
N ALA C 125 -20.53 6.74 4.28
CA ALA C 125 -21.22 7.00 5.52
C ALA C 125 -20.34 7.66 6.58
N ILE C 126 -21.00 8.34 7.52
CA ILE C 126 -20.27 8.89 8.67
C ILE C 126 -19.55 7.79 9.42
N GLY C 127 -18.27 7.99 9.68
CA GLY C 127 -17.58 7.15 10.66
C GLY C 127 -16.92 5.88 10.09
N LYS C 128 -16.70 4.91 10.96
CA LYS C 128 -15.93 3.71 10.59
C LYS C 128 -16.60 2.89 9.52
N ALA C 129 -17.93 2.87 9.43
CA ALA C 129 -18.59 2.17 8.31
C ALA C 129 -18.21 2.78 6.98
N GLY C 130 -18.19 4.12 6.91
CA GLY C 130 -17.83 4.83 5.68
C GLY C 130 -16.38 4.60 5.35
N ALA C 131 -15.49 4.52 6.37
CA ALA C 131 -14.08 4.27 6.05
C ALA C 131 -13.90 2.90 5.42
N ALA C 132 -14.51 1.86 6.01
CA ALA C 132 -14.40 0.53 5.43
C ALA C 132 -15.01 0.53 4.03
N ASN C 133 -16.13 1.20 3.85
CA ASN C 133 -16.79 1.20 2.56
C ASN C 133 -16.03 1.98 1.49
N ALA C 134 -15.28 3.01 1.88
CA ALA C 134 -14.47 3.71 0.91
C ALA C 134 -13.38 2.81 0.38
N ALA C 135 -12.79 2.00 1.28
CA ALA C 135 -11.80 1.00 0.82
C ALA C 135 -12.46 -0.01 -0.10
N LEU C 136 -13.68 -0.50 0.23
CA LEU C 136 -14.33 -1.44 -0.68
C LEU C 136 -14.66 -0.82 -2.03
N LEU C 137 -15.15 0.43 -2.04
CA LEU C 137 -15.49 1.07 -3.31
C LEU C 137 -14.19 1.26 -4.14
N ALA C 138 -13.11 1.73 -3.47
CA ALA C 138 -11.85 1.87 -4.18
C ALA C 138 -11.42 0.55 -4.78
N ALA C 139 -11.56 -0.56 -3.99
CA ALA C 139 -11.18 -1.86 -4.51
C ALA C 139 -12.08 -2.30 -5.66
N GLN C 140 -13.39 -2.00 -5.59
CA GLN C 140 -14.31 -2.29 -6.70
C GLN C 140 -13.93 -1.54 -7.98
N ILE C 141 -13.48 -0.29 -7.80
CA ILE C 141 -12.99 0.50 -8.94
C ILE C 141 -11.72 -0.20 -9.54
N LEU C 142 -10.73 -0.53 -8.69
CA LEU C 142 -9.55 -1.20 -9.23
C LEU C 142 -9.90 -2.50 -9.90
N ALA C 143 -10.88 -3.23 -9.32
CA ALA C 143 -11.25 -4.55 -9.82
C ALA C 143 -11.79 -4.54 -11.25
N LEU C 144 -12.25 -3.38 -11.73
CA LEU C 144 -12.61 -3.26 -13.15
C LEU C 144 -11.49 -3.75 -14.07
N HIS C 145 -10.23 -3.59 -13.63
CA HIS C 145 -9.05 -3.92 -14.46
C HIS C 145 -8.04 -4.72 -13.66
N ASP C 146 -8.52 -5.49 -12.69
CA ASP C 146 -7.67 -6.38 -11.90
C ASP C 146 -8.50 -7.62 -11.57
N THR C 147 -8.33 -8.63 -12.41
CA THR C 147 -9.20 -9.77 -12.29
C THR C 147 -8.96 -10.56 -10.97
N GLU C 148 -7.73 -10.59 -10.48
CA GLU C 148 -7.45 -11.34 -9.25
C GLU C 148 -8.13 -10.61 -8.07
N LEU C 149 -8.02 -9.28 -8.03
CA LEU C 149 -8.74 -8.53 -7.01
C LEU C 149 -10.24 -8.72 -7.16
N ALA C 150 -10.78 -8.73 -8.40
CA ALA C 150 -12.23 -9.02 -8.55
C ALA C 150 -12.59 -10.35 -7.91
N GLY C 151 -11.75 -11.39 -8.06
CA GLY C 151 -12.05 -12.67 -7.43
C GLY C 151 -11.97 -12.56 -5.90
N ARG C 152 -11.00 -11.81 -5.38
CA ARG C 152 -10.91 -11.63 -3.91
C ARG C 152 -12.10 -10.90 -3.37
N LEU C 153 -12.61 -9.91 -4.11
CA LEU C 153 -13.82 -9.19 -3.65
C LEU C 153 -15.02 -10.10 -3.68
N ALA C 154 -15.17 -10.90 -4.73
CA ALA C 154 -16.30 -11.83 -4.81
C ALA C 154 -16.26 -12.77 -3.62
N HIS C 155 -15.10 -13.31 -3.28
CA HIS C 155 -15.02 -14.21 -2.17
C HIS C 155 -15.32 -13.48 -0.85
N TRP C 156 -14.82 -12.26 -0.73
CA TRP C 156 -15.07 -11.47 0.47
C TRP C 156 -16.56 -11.23 0.70
N ARG C 157 -17.25 -10.84 -0.35
CA ARG C 157 -18.70 -10.61 -0.30
C ARG C 157 -19.41 -11.94 0.02
N GLN C 158 -19.03 -13.06 -0.61
CA GLN C 158 -19.71 -14.32 -0.36
C GLN C 158 -19.55 -14.72 1.10
N SER C 159 -18.38 -14.46 1.68
CA SER C 159 -18.10 -14.79 3.06
CA SER C 159 -18.13 -14.82 3.07
C SER C 159 -18.97 -13.95 4.00
N GLN C 160 -19.13 -12.68 3.69
CA GLN C 160 -19.97 -11.84 4.51
C GLN C 160 -21.45 -12.29 4.47
N THR C 161 -21.94 -12.67 3.28
CA THR C 161 -23.30 -13.23 3.08
C THR C 161 -23.45 -14.52 3.88
N ASP C 162 -22.49 -15.44 3.73
CA ASP C 162 -22.61 -16.74 4.39
C ASP C 162 -22.59 -16.58 5.89
N ASP C 163 -21.83 -15.62 6.42
CA ASP C 163 -21.78 -15.45 7.87
CA ASP C 163 -21.78 -15.38 7.87
C ASP C 163 -23.15 -15.05 8.43
N VAL C 164 -23.91 -14.23 7.71
CA VAL C 164 -25.29 -13.95 8.13
C VAL C 164 -26.24 -15.15 7.97
N LEU C 165 -26.16 -15.82 6.82
CA LEU C 165 -27.06 -16.95 6.54
C LEU C 165 -26.82 -18.12 7.46
N ASP C 166 -25.57 -18.30 7.90
CA ASP C 166 -25.19 -19.39 8.80
C ASP C 166 -25.66 -19.17 10.24
N ASN C 167 -26.09 -17.95 10.55
CA ASN C 167 -26.47 -17.59 11.91
C ASN C 167 -27.83 -16.84 11.96
N PRO C 168 -28.90 -17.49 11.53
CA PRO C 168 -30.17 -16.77 11.32
C PRO C 168 -30.88 -16.38 12.63
N ASP C 169 -30.62 -17.09 13.72
CA ASP C 169 -31.32 -16.83 14.97
C ASP C 169 -30.38 -16.03 15.88
N PRO C 170 -30.72 -14.79 16.20
CA PRO C 170 -29.77 -13.94 16.91
C PRO C 170 -29.68 -14.31 18.38
N ARG C 171 -30.53 -15.24 18.83
CA ARG C 171 -30.53 -15.71 20.24
C ARG C 171 -29.46 -16.77 20.45
N GLU C 172 -29.00 -17.37 19.36
CA GLU C 172 -27.94 -18.39 19.36
C GLU C 172 -26.56 -17.79 19.07
N GLU C 173 -25.51 -18.50 19.49
CA GLU C 173 -24.13 -18.01 19.38
C GLU C 173 -23.51 -18.38 18.03
N ALA C 174 -22.70 -17.47 17.46
CA ALA C 174 -22.02 -17.73 16.16
C ALA C 174 -21.15 -18.98 16.21
N ALA D 10 -1.29 52.56 -5.23
CA ALA D 10 -1.64 52.53 -3.78
C ALA D 10 -2.93 53.33 -3.60
N ALA D 11 -4.05 52.62 -3.53
CA ALA D 11 -5.33 53.27 -3.71
C ALA D 11 -6.20 53.33 -2.44
N GLY D 12 -5.71 52.80 -1.30
CA GLY D 12 -6.51 52.76 -0.07
C GLY D 12 -7.55 51.64 0.05
N VAL D 13 -7.50 50.65 -0.82
CA VAL D 13 -8.39 49.50 -0.67
C VAL D 13 -7.89 48.56 0.41
N LYS D 14 -8.62 48.50 1.50
CA LYS D 14 -8.27 47.62 2.62
C LYS D 14 -9.21 46.42 2.80
N ILE D 15 -10.27 46.38 1.97
CA ILE D 15 -11.24 45.28 2.10
C ILE D 15 -11.43 44.67 0.71
N ALA D 16 -11.46 43.32 0.66
CA ALA D 16 -11.88 42.61 -0.55
C ALA D 16 -13.16 41.87 -0.23
N ILE D 17 -14.12 41.91 -1.16
CA ILE D 17 -15.33 41.10 -1.10
C ILE D 17 -15.18 40.05 -2.18
N VAL D 18 -15.04 38.79 -1.77
CA VAL D 18 -14.86 37.71 -2.72
C VAL D 18 -15.94 36.68 -2.56
N MSE D 19 -16.18 35.88 -3.58
CA MSE D 19 -17.26 34.90 -3.49
C MSE D 19 -16.97 33.74 -4.42
O MSE D 19 -16.24 33.88 -5.45
CB MSE D 19 -18.59 35.55 -3.88
CG MSE D 19 -18.62 36.04 -5.37
SE MSE D 19 -19.72 37.62 -5.57
CE MSE D 19 -18.49 38.79 -4.69
N GLY D 20 -17.59 32.60 -4.14
CA GLY D 20 -17.26 31.37 -4.89
C GLY D 20 -17.86 31.30 -6.29
N SER D 21 -18.95 32.04 -6.52
CA SER D 21 -19.70 31.95 -7.77
C SER D 21 -20.29 33.31 -8.11
N LYS D 22 -20.37 33.63 -9.39
CA LYS D 22 -21.03 34.85 -9.86
C LYS D 22 -22.46 34.95 -9.32
N SER D 23 -23.16 33.83 -9.18
CA SER D 23 -24.54 33.87 -8.66
C SER D 23 -24.59 34.34 -7.21
N ASP D 24 -23.46 34.26 -6.51
CA ASP D 24 -23.47 34.73 -5.10
C ASP D 24 -23.52 36.25 -5.01
N TRP D 25 -23.32 36.94 -6.13
CA TRP D 25 -23.36 38.42 -6.08
C TRP D 25 -24.73 38.97 -5.64
N ALA D 26 -25.80 38.24 -5.90
CA ALA D 26 -27.11 38.72 -5.44
C ALA D 26 -27.11 38.91 -3.93
N THR D 27 -26.37 38.06 -3.22
CA THR D 27 -26.18 38.17 -1.79
C THR D 27 -25.07 39.15 -1.40
N MSE D 28 -23.89 38.98 -2.01
CA MSE D 28 -22.73 39.76 -1.63
C MSE D 28 -22.83 41.25 -1.97
O MSE D 28 -22.14 42.06 -1.36
CB MSE D 28 -21.44 39.16 -2.19
CG MSE D 28 -21.24 37.70 -1.81
SE MSE D 28 -21.45 37.32 0.10
CE MSE D 28 -19.84 38.19 0.60
N GLN D 29 -23.70 41.62 -2.90
CA GLN D 29 -23.94 43.04 -3.18
CA GLN D 29 -23.93 43.04 -3.17
C GLN D 29 -24.38 43.78 -1.91
N PHE D 30 -25.01 43.07 -0.96
CA PHE D 30 -25.45 43.74 0.29
C PHE D 30 -24.25 44.14 1.15
N ALA D 31 -23.13 43.42 1.01
CA ALA D 31 -21.88 43.87 1.68
C ALA D 31 -21.34 45.10 0.97
N ALA D 32 -21.30 45.04 -0.35
CA ALA D 32 -20.80 46.17 -1.13
C ALA D 32 -21.58 47.46 -0.86
N ASP D 33 -22.89 47.37 -0.76
CA ASP D 33 -23.69 48.57 -0.58
C ASP D 33 -23.42 49.22 0.79
N VAL D 34 -23.17 48.44 1.83
CA VAL D 34 -22.82 49.03 3.11
C VAL D 34 -21.47 49.75 3.03
N LEU D 35 -20.47 49.11 2.41
CA LEU D 35 -19.16 49.78 2.29
C LEU D 35 -19.24 51.04 1.44
N THR D 36 -20.07 51.03 0.39
CA THR D 36 -20.29 52.24 -0.40
C THR D 36 -20.84 53.37 0.45
N THR D 37 -21.86 53.09 1.25
CA THR D 37 -22.47 54.11 2.12
C THR D 37 -21.45 54.66 3.10
N LEU D 38 -20.59 53.80 3.63
CA LEU D 38 -19.56 54.21 4.58
C LEU D 38 -18.33 54.85 3.94
N ASN D 39 -18.27 54.91 2.60
CA ASN D 39 -17.08 55.47 1.90
C ASN D 39 -15.80 54.68 2.20
N VAL D 40 -15.96 53.37 2.16
CA VAL D 40 -14.83 52.44 2.36
C VAL D 40 -14.52 51.77 1.02
N PRO D 41 -13.35 52.07 0.42
CA PRO D 41 -12.99 51.47 -0.87
C PRO D 41 -12.85 49.96 -0.72
N PHE D 42 -13.26 49.23 -1.75
CA PHE D 42 -13.16 47.77 -1.71
C PHE D 42 -12.92 47.19 -3.11
N HIS D 43 -12.36 45.97 -3.13
CA HIS D 43 -12.19 45.19 -4.34
C HIS D 43 -13.23 44.09 -4.37
N VAL D 44 -13.76 43.73 -5.52
CA VAL D 44 -14.71 42.58 -5.62
C VAL D 44 -14.14 41.58 -6.61
N GLU D 45 -14.24 40.29 -6.28
CA GLU D 45 -13.74 39.26 -7.19
C GLU D 45 -14.46 37.92 -6.98
N VAL D 46 -14.72 37.19 -8.06
CA VAL D 46 -15.14 35.80 -7.96
C VAL D 46 -13.89 34.93 -7.93
N VAL D 47 -13.77 34.20 -6.82
CA VAL D 47 -12.65 33.22 -6.62
C VAL D 47 -13.28 31.94 -6.13
N SER D 48 -13.21 30.87 -6.92
CA SER D 48 -13.86 29.62 -6.53
C SER D 48 -12.84 28.67 -5.92
N ALA D 49 -13.14 28.14 -4.72
CA ALA D 49 -12.23 27.20 -4.10
C ALA D 49 -12.05 25.97 -5.00
N HIS D 50 -13.10 25.60 -5.76
CA HIS D 50 -13.06 24.32 -6.50
C HIS D 50 -12.78 24.47 -7.95
N ARG D 51 -13.21 25.58 -8.56
CA ARG D 51 -12.92 25.81 -9.99
CA ARG D 51 -12.91 25.79 -9.98
C ARG D 51 -11.65 26.61 -10.20
N THR D 52 -11.27 27.44 -9.23
CA THR D 52 -10.04 28.23 -9.37
C THR D 52 -9.15 28.09 -8.11
N PRO D 53 -8.74 26.85 -7.77
CA PRO D 53 -8.01 26.67 -6.53
C PRO D 53 -6.64 27.38 -6.55
N ASP D 54 -5.94 27.40 -7.71
CA ASP D 54 -4.65 28.11 -7.76
C ASP D 54 -4.85 29.62 -7.55
N ARG D 55 -5.89 30.21 -8.11
CA ARG D 55 -6.16 31.64 -7.87
C ARG D 55 -6.49 31.89 -6.41
N LEU D 56 -7.21 30.98 -5.74
CA LEU D 56 -7.50 31.20 -4.32
C LEU D 56 -6.14 31.33 -3.56
N PHE D 57 -5.21 30.39 -3.81
CA PHE D 57 -3.90 30.44 -3.14
C PHE D 57 -3.13 31.71 -3.48
N SER D 58 -3.11 32.11 -4.75
CA SER D 58 -2.40 33.35 -5.13
CA SER D 58 -2.38 33.34 -5.10
C SER D 58 -3.01 34.58 -4.46
N PHE D 59 -4.33 34.65 -4.47
CA PHE D 59 -5.01 35.79 -3.87
C PHE D 59 -4.67 35.87 -2.40
N ALA D 60 -4.78 34.74 -1.69
CA ALA D 60 -4.51 34.75 -0.24
C ALA D 60 -3.03 35.07 0.04
N GLU D 61 -2.11 34.44 -0.70
CA GLU D 61 -0.68 34.70 -0.51
C GLU D 61 -0.34 36.17 -0.66
N GLN D 62 -1.00 36.84 -1.60
CA GLN D 62 -0.65 38.24 -1.85
CA GLN D 62 -0.70 38.23 -1.88
C GLN D 62 -1.53 39.26 -1.10
N ALA D 63 -2.46 38.81 -0.25
CA ALA D 63 -3.37 39.73 0.38
C ALA D 63 -2.70 40.78 1.20
N GLU D 64 -1.76 40.36 2.03
CA GLU D 64 -1.03 41.30 2.87
C GLU D 64 -0.23 42.32 2.06
N ALA D 65 0.51 41.85 1.04
CA ALA D 65 1.29 42.76 0.19
C ALA D 65 0.42 43.70 -0.60
N ASN D 66 -0.78 43.26 -0.96
CA ASN D 66 -1.71 44.13 -1.64
C ASN D 66 -2.44 45.12 -0.70
N GLY D 67 -2.15 45.07 0.61
CA GLY D 67 -2.70 46.03 1.56
C GLY D 67 -4.03 45.72 2.20
N LEU D 68 -4.51 44.49 2.06
CA LEU D 68 -5.79 44.12 2.61
C LEU D 68 -5.71 43.96 4.13
N HIS D 69 -6.73 44.48 4.81
CA HIS D 69 -6.89 44.32 6.26
C HIS D 69 -7.97 43.35 6.61
N VAL D 70 -8.99 43.21 5.76
CA VAL D 70 -10.07 42.23 6.03
C VAL D 70 -10.54 41.69 4.68
N ILE D 71 -10.76 40.36 4.62
CA ILE D 71 -11.35 39.72 3.45
C ILE D 71 -12.74 39.25 3.85
N ILE D 72 -13.76 39.66 3.10
CA ILE D 72 -15.12 39.16 3.29
C ILE D 72 -15.33 38.14 2.20
N ALA D 73 -15.64 36.89 2.57
CA ALA D 73 -15.77 35.82 1.60
C ALA D 73 -17.11 35.10 1.72
N GLY D 74 -17.85 35.07 0.61
CA GLY D 74 -19.14 34.38 0.57
C GLY D 74 -19.07 33.09 -0.22
N ASN D 75 -19.76 32.08 0.25
CA ASN D 75 -19.80 30.80 -0.45
C ASN D 75 -20.97 30.00 0.09
N GLY D 76 -21.38 29.00 -0.67
CA GLY D 76 -22.51 28.19 -0.26
C GLY D 76 -22.33 26.73 -0.56
N GLY D 77 -23.19 25.92 0.01
CA GLY D 77 -23.10 24.46 -0.20
C GLY D 77 -21.90 23.91 0.57
N ALA D 78 -21.02 23.19 -0.14
CA ALA D 78 -19.73 22.83 0.46
C ALA D 78 -18.86 24.08 0.32
N ALA D 79 -18.99 24.94 1.29
CA ALA D 79 -18.55 26.31 1.20
C ALA D 79 -17.14 26.46 1.71
N HIS D 80 -16.18 26.13 0.84
CA HIS D 80 -14.79 26.03 1.25
C HIS D 80 -13.97 27.31 1.07
N LEU D 81 -14.51 28.31 0.38
CA LEU D 81 -13.71 29.52 0.06
C LEU D 81 -13.19 30.23 1.31
N PRO D 82 -14.06 30.52 2.29
CA PRO D 82 -13.52 31.32 3.42
C PRO D 82 -12.39 30.59 4.17
N GLY D 83 -12.58 29.31 4.45
CA GLY D 83 -11.60 28.62 5.31
C GLY D 83 -10.31 28.38 4.56
N MSE D 84 -10.37 28.13 3.24
CA MSE D 84 -9.12 27.97 2.53
C MSE D 84 -8.36 29.28 2.37
O MSE D 84 -7.12 29.30 2.38
CB MSE D 84 -9.37 27.33 1.15
CG MSE D 84 -9.88 25.85 1.28
SE MSE D 84 -8.75 24.69 2.39
CE MSE D 84 -7.11 24.85 1.38
N LEU D 85 -9.07 30.40 2.25
CA LEU D 85 -8.39 31.68 2.28
C LEU D 85 -7.70 31.86 3.67
N ALA D 86 -8.44 31.63 4.74
CA ALA D 86 -7.90 31.80 6.09
C ALA D 86 -6.70 30.89 6.38
N ALA D 87 -6.63 29.74 5.73
CA ALA D 87 -5.48 28.83 5.89
C ALA D 87 -4.21 29.40 5.24
N LYS D 88 -4.37 30.36 4.35
CA LYS D 88 -3.27 30.85 3.52
C LYS D 88 -2.85 32.29 3.74
N THR D 89 -3.52 33.00 4.66
CA THR D 89 -3.07 34.33 5.03
C THR D 89 -3.43 34.57 6.51
N LEU D 90 -2.73 35.52 7.15
CA LEU D 90 -3.13 35.97 8.50
C LEU D 90 -3.97 37.23 8.45
N VAL D 91 -4.28 37.73 7.26
CA VAL D 91 -5.31 38.76 7.16
C VAL D 91 -6.67 38.18 7.63
N PRO D 92 -7.43 38.87 8.51
CA PRO D 92 -8.70 38.31 9.03
C PRO D 92 -9.64 38.01 7.87
N VAL D 93 -10.31 36.86 7.95
CA VAL D 93 -11.33 36.44 7.00
C VAL D 93 -12.69 36.35 7.71
N LEU D 94 -13.67 37.05 7.16
CA LEU D 94 -15.06 36.96 7.60
C LEU D 94 -15.84 36.19 6.56
N GLY D 95 -16.66 35.23 7.00
CA GLY D 95 -17.35 34.32 6.08
C GLY D 95 -18.85 34.57 6.08
N VAL D 96 -19.41 34.59 4.89
CA VAL D 96 -20.86 34.76 4.71
C VAL D 96 -21.44 33.48 4.09
N PRO D 97 -22.29 32.76 4.82
CA PRO D 97 -22.92 31.56 4.25
C PRO D 97 -24.03 31.97 3.29
N VAL D 98 -23.92 31.61 2.03
CA VAL D 98 -24.94 31.95 1.05
C VAL D 98 -26.05 30.90 1.18
N GLN D 99 -27.31 31.32 1.10
CA GLN D 99 -28.40 30.35 1.25
C GLN D 99 -28.40 29.41 0.07
N SER D 100 -28.31 28.13 0.33
CA SER D 100 -28.41 27.08 -0.71
C SER D 100 -29.85 26.61 -0.88
N ALA D 101 -30.15 26.01 -2.02
CA ALA D 101 -31.51 25.61 -2.32
C ALA D 101 -32.05 24.48 -1.46
N ALA D 102 -31.43 23.31 -1.46
CA ALA D 102 -31.99 22.18 -0.74
C ALA D 102 -31.92 22.40 0.78
N LEU D 103 -30.73 22.77 1.29
CA LEU D 103 -30.50 22.77 2.73
C LEU D 103 -30.61 24.17 3.33
N SER D 104 -31.03 25.16 2.53
CA SER D 104 -31.34 26.51 3.07
C SER D 104 -30.16 27.16 3.80
N GLY D 105 -28.94 26.81 3.36
CA GLY D 105 -27.75 27.40 3.98
C GLY D 105 -27.22 26.69 5.21
N VAL D 106 -27.84 25.58 5.65
CA VAL D 106 -27.24 24.87 6.79
C VAL D 106 -25.91 24.22 6.38
N ASP D 107 -25.84 23.69 5.15
CA ASP D 107 -24.54 23.22 4.62
C ASP D 107 -23.54 24.35 4.53
N SER D 108 -23.95 25.52 4.03
CA SER D 108 -23.04 26.67 3.92
C SER D 108 -22.51 27.04 5.29
N LEU D 109 -23.44 27.16 6.24
CA LEU D 109 -23.10 27.58 7.60
C LEU D 109 -22.13 26.62 8.28
N TYR D 110 -22.45 25.32 8.28
CA TYR D 110 -21.55 24.35 8.91
C TYR D 110 -20.19 24.29 8.26
N SER D 111 -20.13 24.42 6.94
CA SER D 111 -18.87 24.37 6.20
CA SER D 111 -18.86 24.28 6.31
C SER D 111 -17.97 25.52 6.48
N ILE D 112 -18.56 26.64 6.93
CA ILE D 112 -17.79 27.84 7.21
C ILE D 112 -17.50 28.01 8.72
N VAL D 113 -18.52 27.85 9.57
CA VAL D 113 -18.32 28.19 10.95
C VAL D 113 -17.52 27.16 11.73
N GLN D 114 -17.54 25.88 11.31
CA GLN D 114 -16.96 24.77 12.11
C GLN D 114 -15.47 24.59 11.90
N MSE D 115 -14.79 25.68 11.61
CA MSE D 115 -13.34 25.60 11.39
C MSE D 115 -12.62 25.10 12.62
O MSE D 115 -12.96 25.46 13.76
CB MSE D 115 -12.79 26.98 11.04
CG MSE D 115 -13.20 27.41 9.67
SE MSE D 115 -12.49 26.35 8.21
CE MSE D 115 -10.68 26.99 8.34
N PRO D 116 -11.61 24.27 12.41
CA PRO D 116 -10.86 23.66 13.52
C PRO D 116 -9.85 24.62 14.13
N ARG D 117 -9.38 24.25 15.32
CA ARG D 117 -8.43 25.05 16.07
C ARG D 117 -7.22 25.42 15.20
N GLY D 118 -6.96 26.72 15.12
CA GLY D 118 -5.74 27.26 14.48
C GLY D 118 -6.01 28.13 13.28
N ILE D 119 -7.19 27.98 12.68
CA ILE D 119 -7.52 28.72 11.46
CA ILE D 119 -7.55 28.70 11.46
C ILE D 119 -8.95 29.26 11.53
N PRO D 120 -9.12 30.44 12.10
CA PRO D 120 -10.44 31.01 12.29
C PRO D 120 -11.07 31.63 11.03
N VAL D 121 -12.40 31.56 10.95
CA VAL D 121 -13.18 32.41 10.05
C VAL D 121 -14.31 33.00 10.92
N GLY D 122 -14.41 34.32 10.93
CA GLY D 122 -15.51 34.97 11.70
C GLY D 122 -16.75 34.89 10.86
N THR D 123 -17.78 34.17 11.32
CA THR D 123 -18.90 33.83 10.46
C THR D 123 -20.10 34.70 10.81
N LEU D 124 -20.80 35.16 9.78
CA LEU D 124 -22.04 35.95 9.94
C LEU D 124 -23.28 35.13 9.56
N ALA D 125 -24.44 35.76 9.61
CA ALA D 125 -25.73 35.06 9.39
C ALA D 125 -25.84 34.56 7.97
N ILE D 126 -26.68 33.55 7.78
CA ILE D 126 -26.99 33.11 6.45
C ILE D 126 -27.61 34.23 5.60
N GLY D 127 -27.11 34.39 4.38
CA GLY D 127 -27.75 35.27 3.37
C GLY D 127 -27.44 36.75 3.53
N LYS D 128 -28.36 37.56 3.00
CA LYS D 128 -28.10 39.00 2.82
CA LYS D 128 -28.14 39.00 2.82
C LYS D 128 -27.89 39.75 4.13
N ALA D 129 -28.50 39.28 5.22
CA ALA D 129 -28.22 39.90 6.51
C ALA D 129 -26.78 39.69 6.92
N GLY D 130 -26.25 38.50 6.65
CA GLY D 130 -24.87 38.23 6.99
C GLY D 130 -23.92 38.99 6.08
N ALA D 131 -24.29 39.20 4.81
CA ALA D 131 -23.42 39.96 3.90
C ALA D 131 -23.33 41.41 4.38
N ALA D 132 -24.45 42.05 4.70
CA ALA D 132 -24.39 43.38 5.23
C ALA D 132 -23.57 43.44 6.54
N ASN D 133 -23.77 42.45 7.42
CA ASN D 133 -23.07 42.44 8.71
C ASN D 133 -21.59 42.17 8.56
N ALA D 134 -21.17 41.44 7.54
CA ALA D 134 -19.75 41.25 7.35
C ALA D 134 -19.10 42.54 6.95
N ALA D 135 -19.80 43.34 6.13
CA ALA D 135 -19.30 44.67 5.81
C ALA D 135 -19.24 45.57 7.06
N LEU D 136 -20.25 45.52 7.91
CA LEU D 136 -20.22 46.32 9.12
C LEU D 136 -19.10 45.88 10.07
N LEU D 137 -18.89 44.57 10.24
CA LEU D 137 -17.87 44.11 11.16
C LEU D 137 -16.49 44.48 10.58
N ALA D 138 -16.29 44.31 9.27
CA ALA D 138 -15.00 44.73 8.65
C ALA D 138 -14.77 46.23 8.89
N ALA D 139 -15.82 47.05 8.72
CA ALA D 139 -15.67 48.47 9.00
C ALA D 139 -15.39 48.75 10.49
N GLN D 140 -16.02 48.02 11.39
CA GLN D 140 -15.74 48.18 12.82
C GLN D 140 -14.27 47.82 13.14
N ILE D 141 -13.73 46.80 12.46
CA ILE D 141 -12.33 46.48 12.61
C ILE D 141 -11.47 47.63 12.09
N LEU D 142 -11.77 48.13 10.88
CA LEU D 142 -10.97 49.27 10.36
C LEU D 142 -11.08 50.47 11.26
N ALA D 143 -12.26 50.68 11.87
CA ALA D 143 -12.51 51.86 12.66
C ALA D 143 -11.66 51.92 13.92
N LEU D 144 -11.09 50.78 14.35
CA LEU D 144 -10.17 50.80 15.50
C LEU D 144 -9.00 51.78 15.29
N HIS D 145 -8.64 52.03 14.03
CA HIS D 145 -7.54 52.92 13.66
C HIS D 145 -7.92 53.91 12.54
N ASP D 146 -9.20 54.22 12.48
CA ASP D 146 -9.70 55.21 11.51
C ASP D 146 -10.83 55.96 12.20
N THR D 147 -10.49 57.09 12.83
CA THR D 147 -11.46 57.81 13.64
C THR D 147 -12.58 58.39 12.78
N GLU D 148 -12.29 58.72 11.51
CA GLU D 148 -13.34 59.30 10.63
C GLU D 148 -14.35 58.23 10.27
N LEU D 149 -13.87 57.03 9.93
CA LEU D 149 -14.79 55.90 9.71
C LEU D 149 -15.56 55.60 10.98
N ALA D 150 -14.91 55.65 12.16
CA ALA D 150 -15.64 55.42 13.42
C ALA D 150 -16.80 56.37 13.57
N GLY D 151 -16.62 57.63 13.18
CA GLY D 151 -17.75 58.60 13.27
C GLY D 151 -18.85 58.23 12.29
N ARG D 152 -18.48 57.81 11.06
CA ARG D 152 -19.53 57.46 10.08
C ARG D 152 -20.30 56.20 10.52
N LEU D 153 -19.61 55.24 11.14
CA LEU D 153 -20.30 54.04 11.69
C LEU D 153 -21.23 54.41 12.82
N ALA D 154 -20.80 55.32 13.71
CA ALA D 154 -21.67 55.77 14.80
C ALA D 154 -22.92 56.44 14.23
N HIS D 155 -22.76 57.21 13.17
CA HIS D 155 -23.90 57.86 12.50
C HIS D 155 -24.84 56.85 11.87
N TRP D 156 -24.27 55.84 11.20
CA TRP D 156 -25.06 54.80 10.56
C TRP D 156 -25.93 54.10 11.62
N ARG D 157 -25.31 53.70 12.74
CA ARG D 157 -26.08 53.02 13.79
CA ARG D 157 -26.06 53.04 13.82
C ARG D 157 -27.13 53.95 14.41
N GLN D 158 -26.78 55.21 14.63
CA GLN D 158 -27.74 56.14 15.24
C GLN D 158 -28.94 56.32 14.35
N SER D 159 -28.68 56.37 13.05
CA SER D 159 -29.77 56.47 12.08
CA SER D 159 -29.78 56.48 12.09
C SER D 159 -30.70 55.25 12.10
N GLN D 160 -30.12 54.05 12.19
CA GLN D 160 -30.95 52.83 12.19
CA GLN D 160 -30.90 52.82 12.20
C GLN D 160 -31.79 52.77 13.46
N THR D 161 -31.24 53.19 14.59
CA THR D 161 -31.97 53.28 15.87
C THR D 161 -33.11 54.29 15.76
N ASP D 162 -32.78 55.49 15.27
CA ASP D 162 -33.82 56.54 15.17
C ASP D 162 -34.96 56.15 14.25
N ASP D 163 -34.65 55.43 13.16
CA ASP D 163 -35.72 55.00 12.26
C ASP D 163 -36.73 54.08 12.97
N VAL D 164 -36.26 53.24 13.88
CA VAL D 164 -37.19 52.40 14.66
C VAL D 164 -37.95 53.22 15.71
N LEU D 165 -37.22 54.07 16.42
CA LEU D 165 -37.84 54.86 17.50
C LEU D 165 -38.87 55.83 16.96
N ASP D 166 -38.64 56.32 15.74
CA ASP D 166 -39.55 57.32 15.13
C ASP D 166 -40.87 56.69 14.63
N ASN D 167 -40.92 55.35 14.59
CA ASN D 167 -42.08 54.63 14.07
CA ASN D 167 -42.12 54.63 14.06
C ASN D 167 -42.51 53.51 15.00
N PRO D 168 -42.96 53.87 16.21
CA PRO D 168 -43.17 52.81 17.23
C PRO D 168 -44.39 52.00 16.96
N ASP D 169 -45.39 52.55 16.28
CA ASP D 169 -46.65 51.80 16.04
C ASP D 169 -46.63 51.20 14.65
N PRO D 170 -46.63 49.87 14.53
CA PRO D 170 -46.46 49.31 13.18
C PRO D 170 -47.74 49.41 12.35
N ARG D 171 -48.84 49.84 12.97
CA ARG D 171 -50.12 50.06 12.25
C ARG D 171 -50.09 51.37 11.44
N GLU D 172 -49.17 52.25 11.80
CA GLU D 172 -49.02 53.56 11.17
C GLU D 172 -47.90 53.58 10.13
N GLU D 173 -48.10 54.37 9.07
CA GLU D 173 -47.11 54.53 7.99
C GLU D 173 -45.78 55.06 8.49
N ALA D 174 -44.70 54.75 7.74
CA ALA D 174 -43.38 55.36 7.96
C ALA D 174 -43.22 56.58 7.06
S SO4 E . 12.93 -21.75 16.07
O1 SO4 E . 12.68 -23.19 16.19
O2 SO4 E . 12.83 -21.19 17.46
O3 SO4 E . 14.01 -21.07 15.35
O4 SO4 E . 11.81 -21.23 15.27
S SO4 F . 9.53 -32.92 18.80
O1 SO4 F . 9.10 -33.49 20.09
O2 SO4 F . 9.60 -31.45 18.92
O3 SO4 F . 10.82 -33.45 18.37
O4 SO4 F . 8.53 -33.26 17.78
S SO4 G . -0.81 -31.79 15.62
O1 SO4 G . -2.02 -31.65 16.47
O2 SO4 G . 0.20 -30.77 16.07
O3 SO4 G . -0.09 -33.05 15.90
O4 SO4 G . -1.30 -31.72 14.15
S SO4 H . 5.79 -0.87 -0.56
O1 SO4 H . 4.34 -0.92 -0.80
O2 SO4 H . 6.06 0.23 0.36
O3 SO4 H . 6.25 -2.13 0.01
O4 SO4 H . 6.50 -0.62 -1.81
S SO4 I . 29.84 -35.75 -4.41
O1 SO4 I . 28.47 -36.24 -4.16
O2 SO4 I . 30.47 -34.92 -3.37
O3 SO4 I . 30.74 -36.92 -4.65
O4 SO4 I . 29.64 -34.95 -5.62
S SO4 J . 38.64 -29.39 0.61
O1 SO4 J . 37.91 -29.39 1.87
O2 SO4 J . 40.06 -29.64 0.85
O3 SO4 J . 38.09 -30.44 -0.28
O4 SO4 J . 38.49 -28.08 -0.03
S SO4 K . 40.87 -23.32 -7.52
O1 SO4 K . 40.30 -24.61 -7.87
O2 SO4 K . 41.01 -23.17 -6.06
O3 SO4 K . 42.20 -23.24 -8.12
O4 SO4 K . 40.07 -22.22 -8.10
S SO4 L . -32.97 2.58 22.39
O1 SO4 L . -34.35 2.90 22.76
O2 SO4 L . -32.07 2.96 23.50
O3 SO4 L . -33.08 1.11 22.29
O4 SO4 L . -32.42 3.04 21.10
S SO4 M . -17.71 6.03 14.42
O1 SO4 M . -17.87 5.55 15.83
O2 SO4 M . -17.47 7.50 14.54
O3 SO4 M . -16.58 5.36 13.76
O4 SO4 M . -18.86 5.55 13.67
S SO4 N . -24.20 2.20 14.36
O1 SO4 N . -24.80 1.93 15.69
O2 SO4 N . -24.77 3.42 13.82
O3 SO4 N . -22.75 2.32 14.53
O4 SO4 N . -24.48 1.11 13.39
S SO4 O . -14.18 17.05 17.44
O1 SO4 O . -15.44 17.53 16.90
O2 SO4 O . -13.93 17.56 18.81
O3 SO4 O . -14.17 15.57 17.52
O4 SO4 O . -13.09 17.54 16.56
S SO4 P . -3.85 15.95 15.35
O1 SO4 P . -4.88 14.91 15.67
O2 SO4 P . -4.48 17.28 15.48
O3 SO4 P . -2.80 15.84 16.38
O4 SO4 P . -3.20 15.84 13.99
S SO4 Q . -1.97 0.53 -14.65
O1 SO4 Q . -2.98 -0.09 -13.80
O2 SO4 Q . -0.80 0.89 -13.83
O3 SO4 Q . -1.56 -0.43 -15.66
O4 SO4 Q . -2.51 1.73 -15.29
S SO4 R . -6.48 43.21 -4.11
O1 SO4 R . -7.78 42.58 -3.84
O2 SO4 R . -6.53 44.62 -3.68
O3 SO4 R . -5.47 42.48 -3.37
O4 SO4 R . -6.22 43.14 -5.54
#